data_9OUL
#
_entry.id   9OUL
#
_cell.length_a   1.00
_cell.length_b   1.00
_cell.length_c   1.00
_cell.angle_alpha   90.00
_cell.angle_beta   90.00
_cell.angle_gamma   90.00
#
_symmetry.space_group_name_H-M   'P 1'
#
loop_
_entity.id
_entity.type
_entity.pdbx_description
1 polymer 'DNA damage-binding protein 1'
2 polymer 'Protein cereblon'
3 non-polymer 'ZINC ION'
4 non-polymer "N-[3-(benzyloxy)pyridin-2-yl]-N'-(4-cyano-2-hydroxyphenyl)urea"
5 non-polymer N-{2-[(3S)-2,6-dioxopiperidin-3-yl]-1-oxo-2,3-dihydro-1H-isoindol-5-yl}benzamide
#
loop_
_entity_poly.entity_id
_entity_poly.type
_entity_poly.pdbx_seq_one_letter_code
_entity_poly.pdbx_strand_id
1 'polypeptide(L)'
;MSYNYVVTAQKPTAVNGCVTGHFTSAEDLNLLIAKNTRLEIYVVTAEGLRPVKEVGMYGKIAVMELFRPKGESKDLLFIL
TAKYNACILEYKQSGESIDIITRAHGNVQDRIGRPSETGIIGIIDPECRMIGLRLYDGLFKVIPLDRDNKELKAFNIRLE
ELHVIDVKFLYGCQAPTICFVYQDPQGRHVKTYEVSLREKEFNKGPWKQENVEAEASMVIAVPEPFGGAIIIGQESITYH
NGDKYLAIAPPIIKQSTIVCHNRVDPNGSRYLLGDMEGRLFMLLLEKEEQMDGTVTLKDLRVELLGETSIAECLTYLDNG
VVFVGSRLGDSQLVKLNVDSNEQGSYVVAMETFTNLGPIVDMCVVDLERQGQGQLVTCSGAFKEGSLRIIRNGIGGNGNS
GEIQKLHIRTVPLYESPRKICYQEVSQCFGVLSSRIEVQDTSGGTTALRPSASTQALSSSVSSSKLFSSSTAPHETSFGE
EVEVHNLLIIDQHTFEVLHAHQFLQNEYALSLVSCKLGKDPNTYFIVGTAMVYPEEAEPKQGRIVVFQYSDGKLQTVAEK
EVKGAVYSMVEFNGKLLASINSTVRLYEWTTEKELRTECNHYNNIMALYLKTKGDFILVGDLMRSVLLLAYKPMEGNFEE
IARDFNPNWMSAVEILDDDNFLGAENAFNLFVCQKDSAATTDEERQHLQEVGLFHLGEFVNVFCHGSLVMQNLGETSTPT
QGSVLFGTVNGMIGLVTSLSESWYNLLLDMQNRLNKVIKSVGKIEHSFWRSFHTERKTEPATGFIDGDLIESFLDISRPK
MQEVVANLQYDDGSGMKREATADDLIKVVEELTRIHWSHPQFEK
;
A
2 'polypeptide(L)'
;MHHHHHHMAGEGDQQDAAHNMGNHLPLLPAESEEEDEMEVEDQDSKEAKKPNIINFDTSLPTSHTYLGADMEEFHGRTLH
DDDSCQVIPVLPQVMMILIPGQTLPLQLFHPQEVSMVRNLIQKDRTFAVLAYSNVQEREAQFGTTAEIYAYREEQDFGIE
IVKVKAIGRQRFKVLELRTQSDGIQQAKVQILPECVLPSTMSAVQLESLNKCQIFPSKPVSREDQCSYKWWQKYQKRKFH
CANLTSWPRWLYSLYDAETLMDRIKKQLREWDENLKDDSLPSNPIDFSYRVAACLPIDDVLRIQLLKIGSAIQRLRCELD
IMNKCTSLCCKQCQETEITTKNEIFSLSLCGPMAAYVNPHGYVHETLTVYKACNLNLIGRPSTEHSWFPGYAWTVAQCKI
CASHIGWKFTATKKDMSPQKFWGLTRSALLPTIP
;
C
#
loop_
_chem_comp.id
_chem_comp.type
_chem_comp.name
_chem_comp.formula
A1CEG non-polymer N-[3-(benzyloxy)pyridin-2-yl]-N'-(4-cyano-2-hydroxyphenyl)urea 'C20 H16 N4 O3'
A1CEK non-polymer N-{2-[(3S)-2,6-dioxopiperidin-3-yl]-1-oxo-2,3-dihydro-1H-isoindol-5-yl}benzamide 'C20 H17 N3 O4'
ZN non-polymer 'ZINC ION' 'Zn 2'
#
# COMPACT_ATOMS: atom_id res chain seq x y z
N MET A 1 16.30 -10.73 23.12
CA MET A 1 15.43 -11.81 22.68
C MET A 1 14.18 -11.26 22.00
N SER A 2 13.03 -11.79 22.40
CA SER A 2 11.75 -11.31 21.85
C SER A 2 11.51 -9.86 22.21
N TYR A 3 11.79 -9.48 23.46
CA TYR A 3 11.51 -8.14 23.94
C TYR A 3 12.54 -7.15 23.39
N ASN A 4 12.04 -6.03 22.88
CA ASN A 4 12.85 -5.06 22.16
C ASN A 4 12.66 -3.68 22.75
N TYR A 5 13.58 -2.78 22.39
CA TYR A 5 13.63 -1.42 22.90
C TYR A 5 13.79 -0.47 21.72
N VAL A 6 12.79 0.38 21.48
CA VAL A 6 12.79 1.28 20.35
C VAL A 6 12.95 2.71 20.85
N VAL A 7 13.95 3.42 20.33
CA VAL A 7 14.27 4.77 20.77
C VAL A 7 14.52 5.63 19.54
N THR A 8 14.13 6.90 19.60
CA THR A 8 14.32 7.83 18.50
C THR A 8 15.68 8.54 18.61
N ALA A 9 16.51 8.42 17.57
CA ALA A 9 17.80 9.08 17.58
C ALA A 9 17.72 10.48 16.96
N GLN A 10 17.21 10.57 15.74
CA GLN A 10 17.00 11.84 15.06
C GLN A 10 15.50 12.06 14.91
N LYS A 11 15.00 13.16 15.46
CA LYS A 11 13.58 13.46 15.39
C LYS A 11 13.19 13.85 13.96
N PRO A 12 11.95 13.58 13.56
CA PRO A 12 11.56 13.78 12.16
C PRO A 12 11.74 15.22 11.72
N THR A 13 12.16 15.39 10.46
CA THR A 13 12.49 16.69 9.91
C THR A 13 11.54 17.15 8.80
N ALA A 14 10.72 16.26 8.25
CA ALA A 14 9.80 16.63 7.19
C ALA A 14 8.68 17.51 7.73
N VAL A 15 8.28 18.50 6.93
CA VAL A 15 7.25 19.45 7.30
C VAL A 15 5.97 19.11 6.56
N ASN A 16 4.90 18.85 7.31
CA ASN A 16 3.61 18.50 6.71
C ASN A 16 2.50 19.50 7.02
N GLY A 17 2.82 20.68 7.56
CA GLY A 17 1.83 21.68 7.83
C GLY A 17 2.38 22.90 8.55
N CYS A 18 1.89 24.08 8.20
CA CYS A 18 2.36 25.30 8.85
C CYS A 18 1.28 26.36 8.78
N VAL A 19 1.10 27.06 9.91
CA VAL A 19 0.10 28.12 10.03
C VAL A 19 0.74 29.32 10.71
N THR A 20 0.12 30.49 10.52
CA THR A 20 0.60 31.73 11.12
C THR A 20 -0.56 32.42 11.82
N GLY A 21 -0.28 32.95 13.00
CA GLY A 21 -1.33 33.58 13.78
C GLY A 21 -0.79 34.14 15.07
N HIS A 22 -1.71 34.52 15.96
CA HIS A 22 -1.37 35.14 17.24
C HIS A 22 -1.68 34.12 18.34
N PHE A 23 -0.70 33.26 18.62
CA PHE A 23 -0.87 32.14 19.54
C PHE A 23 -0.27 32.41 20.92
N THR A 24 0.99 32.84 20.97
CA THR A 24 1.64 33.07 22.26
C THR A 24 1.04 34.29 22.97
N SER A 25 0.85 35.38 22.24
CA SER A 25 0.24 36.58 22.79
C SER A 25 -0.39 37.36 21.67
N ALA A 26 -1.22 38.34 22.03
CA ALA A 26 -1.95 39.12 21.04
C ALA A 26 -1.03 39.97 20.17
N GLU A 27 0.15 40.34 20.68
CA GLU A 27 1.06 41.22 19.96
C GLU A 27 2.16 40.48 19.22
N ASP A 28 2.16 39.15 19.24
CA ASP A 28 3.24 38.36 18.64
C ASP A 28 2.74 37.64 17.41
N LEU A 29 3.48 37.77 16.31
CA LEU A 29 3.22 36.96 15.11
C LEU A 29 3.97 35.64 15.25
N ASN A 30 3.25 34.53 15.09
CA ASN A 30 3.79 33.21 15.37
C ASN A 30 3.74 32.33 14.13
N LEU A 31 4.73 31.45 14.01
CA LEU A 31 4.76 30.41 13.00
C LEU A 31 4.74 29.05 13.70
N LEU A 32 3.77 28.23 13.34
CA LEU A 32 3.64 26.89 13.91
C LEU A 32 3.94 25.88 12.82
N ILE A 33 4.88 24.98 13.09
CA ILE A 33 5.32 23.97 12.13
C ILE A 33 5.00 22.59 12.69
N ALA A 34 4.37 21.76 11.87
CA ALA A 34 4.09 20.38 12.25
C ALA A 34 5.00 19.44 11.49
N LYS A 35 5.79 18.68 12.22
CA LYS A 35 6.49 17.52 11.71
C LYS A 35 5.81 16.30 12.30
N ASN A 36 6.23 15.11 11.88
CA ASN A 36 5.57 13.90 12.34
C ASN A 36 5.63 13.81 13.86
N THR A 37 4.47 13.86 14.52
CA THR A 37 4.35 13.78 15.98
C THR A 37 5.15 14.90 16.67
N ARG A 38 5.41 15.97 15.94
CA ARG A 38 6.27 17.05 16.41
C ARG A 38 5.59 18.38 16.11
N LEU A 39 5.55 19.25 17.13
CA LEU A 39 4.97 20.57 16.99
C LEU A 39 5.99 21.60 17.45
N GLU A 40 6.27 22.59 16.60
CA GLU A 40 7.25 23.63 16.88
C GLU A 40 6.59 24.99 16.78
N ILE A 41 6.91 25.88 17.72
CA ILE A 41 6.33 27.21 17.79
C ILE A 41 7.46 28.24 17.72
N TYR A 42 7.31 29.20 16.80
CA TYR A 42 8.34 30.22 16.58
C TYR A 42 7.70 31.60 16.66
N VAL A 43 8.44 32.55 17.24
CA VAL A 43 8.06 33.95 17.17
C VAL A 43 8.84 34.61 16.03
N VAL A 44 8.12 35.25 15.12
CA VAL A 44 8.72 35.82 13.92
C VAL A 44 9.29 37.19 14.24
N THR A 45 10.60 37.35 14.07
CA THR A 45 11.29 38.61 14.30
C THR A 45 12.03 39.00 13.02
N ALA A 46 12.60 40.19 13.04
CA ALA A 46 13.31 40.71 11.87
C ALA A 46 14.53 39.88 11.51
N GLU A 47 15.19 39.26 12.48
CA GLU A 47 16.38 38.48 12.23
C GLU A 47 16.10 37.04 11.83
N GLY A 48 14.86 36.60 11.91
CA GLY A 48 14.51 35.25 11.53
C GLY A 48 13.46 34.69 12.48
N LEU A 49 13.54 33.38 12.70
CA LEU A 49 12.60 32.69 13.56
C LEU A 49 13.23 32.47 14.93
N ARG A 50 12.48 32.81 15.98
CA ARG A 50 12.92 32.59 17.35
C ARG A 50 12.16 31.41 17.94
N PRO A 51 12.79 30.25 18.12
CA PRO A 51 12.08 29.07 18.65
C PRO A 51 11.69 29.30 20.11
N VAL A 52 10.49 28.87 20.46
CA VAL A 52 9.95 29.07 21.80
C VAL A 52 9.55 27.77 22.46
N LYS A 53 8.78 26.93 21.77
CA LYS A 53 8.26 25.72 22.39
C LYS A 53 8.38 24.54 21.42
N GLU A 54 8.62 23.36 21.99
CA GLU A 54 8.66 22.11 21.24
C GLU A 54 7.93 21.05 22.04
N VAL A 55 6.81 20.58 21.50
CA VAL A 55 5.96 19.61 22.19
C VAL A 55 5.76 18.39 21.29
N GLY A 56 5.82 17.21 21.90
CA GLY A 56 5.60 15.98 21.18
C GLY A 56 4.19 15.46 21.41
N MET A 57 3.53 15.09 20.31
CA MET A 57 2.16 14.62 20.37
C MET A 57 2.09 13.10 20.25
N TYR A 58 1.06 12.52 20.85
CA TYR A 58 0.84 11.07 20.78
C TYR A 58 0.01 10.74 19.54
N GLY A 59 0.55 11.11 18.39
CA GLY A 59 -0.11 10.79 17.13
C GLY A 59 0.49 11.55 15.99
N LYS A 60 0.02 11.22 14.79
CA LYS A 60 0.42 11.89 13.56
C LYS A 60 -0.54 13.03 13.30
N ILE A 61 0.01 14.24 13.14
CA ILE A 61 -0.81 15.43 12.99
C ILE A 61 -1.34 15.48 11.56
N ALA A 62 -2.67 15.42 11.41
CA ALA A 62 -3.30 15.49 10.10
C ALA A 62 -3.94 16.84 9.81
N VAL A 63 -4.53 17.48 10.83
CA VAL A 63 -5.15 18.79 10.67
C VAL A 63 -4.59 19.74 11.71
N MET A 64 -4.19 20.93 11.28
CA MET A 64 -3.82 22.01 12.18
C MET A 64 -4.48 23.29 11.71
N GLU A 65 -5.21 23.95 12.61
CA GLU A 65 -5.89 25.21 12.33
C GLU A 65 -5.84 26.11 13.55
N LEU A 66 -5.74 27.41 13.32
CA LEU A 66 -5.80 28.42 14.36
C LEU A 66 -7.10 29.21 14.23
N PHE A 67 -7.83 29.34 15.32
CA PHE A 67 -9.10 30.05 15.31
C PHE A 67 -9.26 30.84 16.60
N ARG A 68 -10.05 31.90 16.52
CA ARG A 68 -10.30 32.77 17.68
C ARG A 68 -11.81 32.94 17.84
N PRO A 69 -12.39 32.28 18.84
CA PRO A 69 -13.81 32.53 19.14
C PRO A 69 -14.00 33.88 19.82
N LYS A 70 -15.26 34.28 19.95
CA LYS A 70 -15.59 35.52 20.62
C LYS A 70 -15.28 35.42 22.11
N GLY A 71 -14.76 36.50 22.68
CA GLY A 71 -14.37 36.53 24.06
C GLY A 71 -12.95 36.05 24.34
N GLU A 72 -12.24 35.58 23.33
CA GLU A 72 -10.87 35.11 23.51
C GLU A 72 -9.91 36.22 23.11
N SER A 73 -8.89 36.44 23.94
CA SER A 73 -7.89 37.45 23.65
C SER A 73 -6.80 36.95 22.71
N LYS A 74 -6.70 35.65 22.48
CA LYS A 74 -5.67 35.09 21.62
C LYS A 74 -6.15 33.77 21.05
N ASP A 75 -5.46 33.31 20.00
CA ASP A 75 -5.94 32.22 19.18
C ASP A 75 -5.84 30.87 19.90
N LEU A 76 -6.66 29.93 19.46
CA LEU A 76 -6.66 28.56 19.92
C LEU A 76 -6.27 27.65 18.76
N LEU A 77 -5.69 26.49 19.08
CA LEU A 77 -5.16 25.57 18.09
C LEU A 77 -6.00 24.29 18.07
N PHE A 78 -6.45 23.90 16.88
CA PHE A 78 -7.21 22.67 16.71
C PHE A 78 -6.34 21.63 16.01
N ILE A 79 -6.20 20.46 16.62
CA ILE A 79 -5.37 19.38 16.11
C ILE A 79 -6.23 18.12 15.98
N LEU A 80 -6.12 17.45 14.84
CA LEU A 80 -6.77 16.17 14.63
C LEU A 80 -5.73 15.16 14.17
N THR A 81 -5.71 14.00 14.81
CA THR A 81 -4.70 12.98 14.59
C THR A 81 -5.22 11.95 13.58
N ALA A 82 -4.29 11.25 12.93
CA ALA A 82 -4.66 10.22 11.96
C ALA A 82 -5.47 9.09 12.59
N LYS A 83 -5.38 8.90 13.90
CA LYS A 83 -6.25 7.96 14.62
C LYS A 83 -7.53 8.62 15.10
N TYR A 84 -7.77 9.86 14.68
CA TYR A 84 -8.99 10.64 14.91
C TYR A 84 -9.11 11.15 16.34
N ASN A 85 -7.99 11.44 17.01
CA ASN A 85 -8.03 12.14 18.28
C ASN A 85 -8.00 13.65 18.03
N ALA A 86 -9.00 14.35 18.53
CA ALA A 86 -9.17 15.78 18.30
C ALA A 86 -9.01 16.54 19.61
N CYS A 87 -8.42 17.73 19.53
CA CYS A 87 -8.22 18.55 20.71
C CYS A 87 -8.17 20.02 20.32
N ILE A 88 -8.50 20.88 21.29
CA ILE A 88 -8.36 22.32 21.18
C ILE A 88 -7.37 22.77 22.25
N LEU A 89 -6.32 23.46 21.83
CA LEU A 89 -5.14 23.72 22.66
C LEU A 89 -4.98 25.21 22.89
N GLU A 90 -4.54 25.56 24.09
CA GLU A 90 -4.30 26.94 24.49
C GLU A 90 -2.87 27.10 24.97
N TYR A 91 -2.33 28.31 24.83
CA TYR A 91 -0.97 28.61 25.23
C TYR A 91 -1.00 29.45 26.50
N LYS A 92 -0.28 28.99 27.52
CA LYS A 92 -0.23 29.68 28.80
C LYS A 92 1.21 29.81 29.26
N GLN A 93 1.57 31.01 29.73
CA GLN A 93 2.89 31.28 30.27
C GLN A 93 2.75 31.86 31.66
N SER A 94 3.38 31.22 32.64
CA SER A 94 3.39 31.67 34.03
C SER A 94 4.85 31.77 34.44
N GLY A 95 5.41 32.97 34.36
CA GLY A 95 6.83 33.12 34.61
C GLY A 95 7.66 32.42 33.56
N GLU A 96 8.54 31.53 34.01
CA GLU A 96 9.37 30.77 33.08
C GLU A 96 8.71 29.48 32.62
N SER A 97 7.53 29.16 33.13
CA SER A 97 6.85 27.92 32.74
C SER A 97 5.99 28.16 31.51
N ILE A 98 6.12 27.28 30.53
CA ILE A 98 5.33 27.32 29.30
C ILE A 98 4.57 26.01 29.20
N ASP A 99 3.24 26.10 29.22
CA ASP A 99 2.38 24.92 29.22
C ASP A 99 1.32 25.05 28.14
N ILE A 100 1.01 23.92 27.50
CA ILE A 100 -0.05 23.86 26.50
C ILE A 100 -1.25 23.21 27.18
N ILE A 101 -2.32 23.99 27.33
CA ILE A 101 -3.49 23.55 28.08
C ILE A 101 -4.52 22.97 27.11
N THR A 102 -5.11 21.83 27.49
CA THR A 102 -6.15 21.20 26.69
C THR A 102 -7.51 21.75 27.12
N ARG A 103 -8.22 22.36 26.17
CA ARG A 103 -9.54 22.92 26.42
C ARG A 103 -10.65 21.93 26.13
N ALA A 104 -10.49 21.09 25.11
CA ALA A 104 -11.47 20.07 24.78
C ALA A 104 -10.76 18.93 24.07
N HIS A 105 -11.27 17.71 24.24
CA HIS A 105 -10.65 16.54 23.62
C HIS A 105 -11.69 15.44 23.45
N GLY A 106 -11.48 14.62 22.44
CA GLY A 106 -12.39 13.52 22.15
C GLY A 106 -11.94 12.79 20.90
N ASN A 107 -12.64 11.69 20.63
CA ASN A 107 -12.37 10.86 19.46
C ASN A 107 -13.57 10.91 18.53
N VAL A 108 -13.32 11.19 17.25
CA VAL A 108 -14.37 11.39 16.27
C VAL A 108 -14.50 10.20 15.34
N GLN A 109 -13.91 9.06 15.68
CA GLN A 109 -13.97 7.89 14.81
C GLN A 109 -15.39 7.34 14.73
N ASP A 110 -15.77 6.91 13.52
CA ASP A 110 -17.03 6.23 13.31
C ASP A 110 -16.79 4.73 13.20
N ARG A 111 -17.71 3.95 13.76
CA ARG A 111 -17.56 2.50 13.78
C ARG A 111 -17.65 1.89 12.39
N ILE A 112 -18.51 2.42 11.52
CA ILE A 112 -18.62 1.95 10.15
C ILE A 112 -18.29 3.08 9.19
N GLY A 113 -17.61 2.74 8.12
CA GLY A 113 -17.27 3.71 7.09
C GLY A 113 -15.95 3.38 6.44
N ARG A 114 -15.78 3.92 5.23
CA ARG A 114 -14.54 3.75 4.47
C ARG A 114 -13.82 5.10 4.43
N PRO A 115 -12.53 5.14 4.77
CA PRO A 115 -11.80 6.41 4.70
C PRO A 115 -11.77 6.96 3.28
N SER A 116 -11.84 8.28 3.17
CA SER A 116 -11.90 8.94 1.88
C SER A 116 -10.60 8.77 1.10
N GLU A 117 -10.71 8.81 -0.23
CA GLU A 117 -9.54 8.65 -1.07
C GLU A 117 -8.62 9.86 -0.97
N THR A 118 -9.19 11.07 -0.92
CA THR A 118 -8.41 12.29 -0.89
C THR A 118 -8.06 12.76 0.52
N GLY A 119 -8.26 11.90 1.52
CA GLY A 119 -7.74 12.15 2.84
C GLY A 119 -8.65 12.94 3.75
N ILE A 120 -8.09 13.32 4.90
CA ILE A 120 -8.82 14.03 5.93
C ILE A 120 -8.80 15.53 5.63
N ILE A 121 -9.97 16.15 5.59
CA ILE A 121 -10.10 17.58 5.35
C ILE A 121 -10.73 18.22 6.58
N GLY A 122 -10.06 19.22 7.14
CA GLY A 122 -10.58 19.94 8.28
C GLY A 122 -10.69 21.42 8.00
N ILE A 123 -11.87 21.99 8.22
CA ILE A 123 -12.12 23.40 7.92
C ILE A 123 -12.91 24.01 9.07
N ILE A 124 -12.55 25.25 9.40
CA ILE A 124 -13.24 26.03 10.42
C ILE A 124 -13.82 27.27 9.75
N ASP A 125 -15.10 27.53 9.99
CA ASP A 125 -15.75 28.67 9.35
C ASP A 125 -15.22 29.98 9.93
N PRO A 126 -15.25 31.06 9.14
CA PRO A 126 -14.61 32.31 9.57
C PRO A 126 -15.12 32.89 10.88
N GLU A 127 -16.40 32.72 11.20
CA GLU A 127 -16.97 33.31 12.40
C GLU A 127 -16.87 32.40 13.62
N CYS A 128 -16.24 31.24 13.48
CA CYS A 128 -16.00 30.31 14.58
C CYS A 128 -17.31 29.85 15.23
N ARG A 129 -18.13 29.17 14.41
CA ARG A 129 -19.33 28.53 14.92
C ARG A 129 -19.22 27.01 14.96
N MET A 130 -18.45 26.40 14.06
CA MET A 130 -18.34 24.95 14.04
C MET A 130 -17.08 24.55 13.30
N ILE A 131 -16.77 23.26 13.36
CA ILE A 131 -15.64 22.66 12.66
C ILE A 131 -16.19 21.56 11.75
N GLY A 132 -15.82 21.60 10.49
CA GLY A 132 -16.28 20.61 9.52
C GLY A 132 -15.19 19.65 9.10
N LEU A 133 -15.42 18.35 9.28
CA LEU A 133 -14.44 17.32 8.98
C LEU A 133 -15.02 16.36 7.96
N ARG A 134 -14.22 16.00 6.95
CA ARG A 134 -14.59 15.02 5.95
C ARG A 134 -13.65 13.84 6.10
N LEU A 135 -14.09 12.81 6.82
CA LEU A 135 -13.28 11.63 7.11
C LEU A 135 -13.65 10.42 6.28
N TYR A 136 -14.95 10.21 6.05
CA TYR A 136 -15.44 9.07 5.29
C TYR A 136 -16.30 9.56 4.13
N ASP A 137 -16.30 8.79 3.06
CA ASP A 137 -17.06 9.16 1.87
C ASP A 137 -18.55 9.19 2.17
N GLY A 138 -19.23 10.25 1.73
CA GLY A 138 -20.66 10.38 1.89
C GLY A 138 -21.12 10.95 3.20
N LEU A 139 -20.21 11.24 4.13
CA LEU A 139 -20.56 11.80 5.43
C LEU A 139 -19.74 13.05 5.69
N PHE A 140 -20.40 14.08 6.22
CA PHE A 140 -19.77 15.33 6.64
C PHE A 140 -20.05 15.54 8.12
N LYS A 141 -19.01 15.80 8.89
CA LYS A 141 -19.09 15.84 10.34
C LYS A 141 -18.95 17.27 10.85
N VAL A 142 -19.83 17.66 11.77
CA VAL A 142 -19.89 19.02 12.29
C VAL A 142 -19.74 18.98 13.80
N ILE A 143 -18.83 19.79 14.33
CA ILE A 143 -18.60 19.90 15.76
C ILE A 143 -18.93 21.33 16.19
N PRO A 144 -20.00 21.54 16.96
CA PRO A 144 -20.32 22.90 17.42
C PRO A 144 -19.24 23.44 18.34
N LEU A 145 -18.99 24.74 18.24
CA LEU A 145 -17.91 25.41 19.00
C LEU A 145 -18.47 26.27 20.12
N ASP A 146 -19.56 25.84 20.74
CA ASP A 146 -20.03 26.53 21.93
C ASP A 146 -19.15 26.16 23.12
N ARG A 147 -19.15 27.03 24.13
CA ARG A 147 -18.19 26.93 25.23
C ARG A 147 -18.42 25.71 26.12
N ASP A 148 -19.58 25.08 26.06
CA ASP A 148 -19.90 23.94 26.91
C ASP A 148 -19.61 22.60 26.26
N ASN A 149 -19.06 22.60 25.04
CA ASN A 149 -18.70 21.35 24.35
C ASN A 149 -17.28 20.95 24.74
N LYS A 150 -17.16 20.43 25.96
CA LYS A 150 -15.86 20.02 26.48
C LYS A 150 -15.38 18.72 25.85
N GLU A 151 -16.30 17.85 25.45
CA GLU A 151 -15.95 16.52 24.94
C GLU A 151 -16.06 16.41 23.43
N LEU A 152 -16.42 17.50 22.75
CA LEU A 152 -16.48 17.55 21.29
C LEU A 152 -17.44 16.48 20.73
N LYS A 153 -18.72 16.67 21.05
CA LYS A 153 -19.75 15.86 20.44
C LYS A 153 -20.02 16.37 19.02
N ALA A 154 -20.33 15.44 18.12
CA ALA A 154 -20.48 15.76 16.71
C ALA A 154 -21.66 15.00 16.13
N PHE A 155 -22.20 15.52 15.03
CA PHE A 155 -23.27 14.87 14.29
C PHE A 155 -22.89 14.76 12.82
N ASN A 156 -23.46 13.77 12.16
CA ASN A 156 -23.15 13.47 10.77
C ASN A 156 -24.27 13.93 9.86
N ILE A 157 -23.92 14.70 8.84
CA ILE A 157 -24.85 15.12 7.81
C ILE A 157 -24.50 14.37 6.53
N ARG A 158 -25.49 14.11 5.69
CA ARG A 158 -25.30 13.27 4.51
C ARG A 158 -25.00 14.15 3.30
N LEU A 159 -23.83 13.94 2.70
CA LEU A 159 -23.54 14.49 1.39
C LEU A 159 -24.01 13.50 0.33
N GLU A 160 -24.81 13.99 -0.62
CA GLU A 160 -25.28 13.13 -1.70
C GLU A 160 -24.18 12.86 -2.72
N GLU A 161 -23.14 13.69 -2.73
CA GLU A 161 -22.04 13.52 -3.66
C GLU A 161 -20.91 12.76 -2.97
N LEU A 162 -20.51 11.63 -3.56
CA LEU A 162 -19.58 10.72 -2.90
C LEU A 162 -18.12 11.11 -3.11
N HIS A 163 -17.73 11.43 -4.35
CA HIS A 163 -16.34 11.73 -4.67
C HIS A 163 -16.12 13.24 -4.57
N VAL A 164 -15.64 13.68 -3.41
CA VAL A 164 -15.42 15.10 -3.13
C VAL A 164 -13.91 15.35 -3.15
N ILE A 165 -13.50 16.40 -3.85
CA ILE A 165 -12.07 16.70 -4.00
C ILE A 165 -11.59 17.70 -2.95
N ASP A 166 -12.36 18.76 -2.71
CA ASP A 166 -11.98 19.81 -1.77
C ASP A 166 -13.23 20.45 -1.19
N VAL A 167 -13.12 20.88 0.06
CA VAL A 167 -14.19 21.59 0.77
C VAL A 167 -13.60 22.83 1.43
N LYS A 168 -14.37 23.92 1.41
CA LYS A 168 -13.94 25.19 1.99
C LYS A 168 -15.16 25.92 2.55
N PHE A 169 -14.89 26.85 3.48
CA PHE A 169 -15.92 27.72 4.04
C PHE A 169 -15.84 29.10 3.40
N LEU A 170 -17.00 29.70 3.16
CA LEU A 170 -17.06 30.96 2.44
C LEU A 170 -17.11 32.14 3.40
N TYR A 171 -16.67 33.30 2.91
CA TYR A 171 -16.63 34.53 3.69
C TYR A 171 -17.77 35.46 3.30
N GLY A 172 -18.34 36.14 4.28
CA GLY A 172 -19.35 37.14 4.04
C GLY A 172 -20.78 36.65 4.09
N CYS A 173 -21.00 35.34 4.22
CA CYS A 173 -22.37 34.82 4.24
C CYS A 173 -22.94 34.88 5.65
N GLN A 174 -24.22 35.22 5.74
CA GLN A 174 -24.90 35.29 7.02
C GLN A 174 -25.06 33.93 7.69
N ALA A 175 -25.34 32.89 6.91
CA ALA A 175 -25.40 31.53 7.44
C ALA A 175 -24.18 30.76 6.93
N PRO A 176 -23.68 29.82 7.73
CA PRO A 176 -22.48 29.08 7.32
C PRO A 176 -22.68 28.34 6.01
N THR A 177 -21.81 28.65 5.04
CA THR A 177 -21.88 28.05 3.72
C THR A 177 -20.58 27.34 3.41
N ILE A 178 -20.68 26.18 2.78
CA ILE A 178 -19.50 25.44 2.32
C ILE A 178 -19.54 25.39 0.80
N CYS A 179 -18.36 25.30 0.20
CA CYS A 179 -18.21 25.13 -1.24
C CYS A 179 -17.31 23.93 -1.50
N PHE A 180 -17.69 23.10 -2.47
CA PHE A 180 -16.92 21.89 -2.73
C PHE A 180 -17.01 21.52 -4.20
N VAL A 181 -16.02 20.75 -4.64
CA VAL A 181 -15.94 20.26 -6.02
C VAL A 181 -16.03 18.75 -5.99
N TYR A 182 -16.94 18.19 -6.79
CA TYR A 182 -17.20 16.76 -6.74
C TYR A 182 -17.21 16.18 -8.14
N GLN A 183 -16.94 14.88 -8.23
CA GLN A 183 -16.88 14.17 -9.50
C GLN A 183 -18.01 13.16 -9.61
N ASP A 184 -18.64 13.13 -10.77
CA ASP A 184 -19.69 12.19 -11.12
C ASP A 184 -19.46 11.78 -12.57
N PRO A 185 -20.21 10.82 -13.12
CA PRO A 185 -20.00 10.48 -14.54
C PRO A 185 -20.19 11.66 -15.48
N GLN A 186 -21.00 12.64 -15.10
CA GLN A 186 -21.21 13.83 -15.92
C GLN A 186 -20.02 14.78 -15.91
N GLY A 187 -19.04 14.57 -15.03
CA GLY A 187 -17.87 15.43 -14.99
C GLY A 187 -17.53 15.91 -13.59
N ARG A 188 -17.02 17.14 -13.49
CA ARG A 188 -16.67 17.75 -12.22
C ARG A 188 -17.42 19.07 -12.08
N HIS A 189 -18.02 19.30 -10.92
CA HIS A 189 -18.89 20.46 -10.72
C HIS A 189 -18.56 21.14 -9.39
N VAL A 190 -19.09 22.36 -9.25
CA VAL A 190 -18.92 23.17 -8.05
C VAL A 190 -20.30 23.44 -7.45
N LYS A 191 -20.44 23.20 -6.14
CA LYS A 191 -21.72 23.30 -5.47
C LYS A 191 -21.52 23.95 -4.10
N THR A 192 -22.54 24.67 -3.64
CA THR A 192 -22.53 25.31 -2.34
C THR A 192 -23.72 24.86 -1.50
N TYR A 193 -23.47 24.65 -0.21
CA TYR A 193 -24.50 24.22 0.73
C TYR A 193 -24.56 25.19 1.90
N GLU A 194 -25.67 25.14 2.63
CA GLU A 194 -25.89 25.92 3.83
C GLU A 194 -26.04 24.96 5.01
N VAL A 195 -25.32 25.23 6.09
CA VAL A 195 -25.29 24.35 7.26
C VAL A 195 -26.11 24.99 8.37
N SER A 196 -27.14 24.27 8.82
CA SER A 196 -28.02 24.74 9.88
C SER A 196 -27.74 23.93 11.13
N LEU A 197 -27.31 24.61 12.20
CA LEU A 197 -27.05 23.91 13.46
C LEU A 197 -28.33 23.57 14.20
N ARG A 198 -29.39 24.37 14.01
CA ARG A 198 -30.62 24.17 14.77
C ARG A 198 -31.39 22.94 14.31
N GLU A 199 -31.52 22.75 13.00
CA GLU A 199 -32.26 21.60 12.50
C GLU A 199 -31.36 20.51 11.90
N LYS A 200 -30.06 20.77 11.77
CA LYS A 200 -29.08 19.74 11.40
C LYS A 200 -29.37 19.13 10.02
N GLU A 201 -29.24 19.95 8.99
CA GLU A 201 -29.26 19.43 7.63
C GLU A 201 -28.48 20.36 6.72
N PHE A 202 -28.56 20.08 5.42
CA PHE A 202 -28.01 20.93 4.37
C PHE A 202 -29.14 21.65 3.67
N ASN A 203 -29.05 22.99 3.61
CA ASN A 203 -29.96 23.79 2.82
C ASN A 203 -29.30 24.17 1.49
N LYS A 204 -30.13 24.61 0.55
CA LYS A 204 -29.62 24.96 -0.78
C LYS A 204 -28.72 26.19 -0.70
N GLY A 205 -27.68 26.21 -1.53
CA GLY A 205 -26.70 27.28 -1.46
C GLY A 205 -27.01 28.41 -2.41
N PRO A 206 -26.21 29.48 -2.31
CA PRO A 206 -26.42 30.64 -3.17
C PRO A 206 -26.27 30.36 -4.66
N TRP A 207 -25.40 29.45 -5.08
CA TRP A 207 -25.19 29.23 -6.51
C TRP A 207 -24.68 27.81 -6.76
N LYS A 208 -24.82 27.38 -8.01
CA LYS A 208 -24.33 26.09 -8.46
C LYS A 208 -23.82 26.25 -9.89
N GLN A 209 -22.64 25.70 -10.18
CA GLN A 209 -21.98 25.87 -11.47
C GLN A 209 -21.55 24.52 -12.02
N GLU A 210 -22.19 24.09 -13.11
CA GLU A 210 -21.84 22.83 -13.73
C GLU A 210 -20.47 22.90 -14.42
N ASN A 211 -20.26 23.94 -15.22
CA ASN A 211 -19.07 24.00 -16.08
C ASN A 211 -17.84 24.32 -15.23
N VAL A 212 -17.08 23.28 -14.90
CA VAL A 212 -15.83 23.40 -14.17
C VAL A 212 -14.77 22.56 -14.88
N GLU A 213 -13.55 23.06 -14.95
CA GLU A 213 -12.48 22.40 -15.70
C GLU A 213 -12.26 20.99 -15.18
N ALA A 214 -12.01 20.06 -16.11
CA ALA A 214 -11.96 18.64 -15.77
C ALA A 214 -10.85 18.29 -14.80
N GLU A 215 -9.85 19.15 -14.64
CA GLU A 215 -8.74 18.90 -13.73
C GLU A 215 -8.73 19.85 -12.54
N ALA A 216 -9.89 20.43 -12.20
CA ALA A 216 -9.96 21.32 -11.05
C ALA A 216 -9.69 20.54 -9.78
N SER A 217 -8.80 21.05 -8.93
CA SER A 217 -8.36 20.28 -7.79
C SER A 217 -8.32 21.07 -6.48
N MET A 218 -8.30 22.41 -6.56
CA MET A 218 -8.10 23.22 -5.36
C MET A 218 -9.10 24.36 -5.30
N VAL A 219 -9.58 24.65 -4.09
CA VAL A 219 -10.55 25.72 -3.84
C VAL A 219 -9.94 26.72 -2.88
N ILE A 220 -9.98 28.00 -3.25
CA ILE A 220 -9.45 29.09 -2.45
C ILE A 220 -10.61 30.00 -2.08
N ALA A 221 -10.82 30.21 -0.79
CA ALA A 221 -11.88 31.08 -0.31
C ALA A 221 -11.38 32.50 -0.22
N VAL A 222 -12.13 33.43 -0.80
CA VAL A 222 -11.72 34.83 -0.89
C VAL A 222 -12.31 35.60 0.29
N PRO A 223 -11.53 36.46 0.95
CA PRO A 223 -12.07 37.24 2.07
C PRO A 223 -13.22 38.16 1.71
N GLU A 224 -13.78 38.81 2.73
CA GLU A 224 -15.05 39.53 2.60
C GLU A 224 -15.10 40.58 1.50
N PRO A 225 -14.10 41.43 1.28
CA PRO A 225 -14.26 42.50 0.28
C PRO A 225 -14.65 42.01 -1.11
N PHE A 226 -14.21 40.83 -1.52
CA PHE A 226 -14.62 40.25 -2.80
C PHE A 226 -15.61 39.11 -2.62
N GLY A 227 -15.32 38.15 -1.75
CA GLY A 227 -16.18 37.00 -1.58
C GLY A 227 -15.98 35.97 -2.67
N GLY A 228 -16.80 34.93 -2.61
CA GLY A 228 -16.72 33.89 -3.62
C GLY A 228 -15.57 32.93 -3.38
N ALA A 229 -15.16 32.26 -4.47
CA ALA A 229 -14.11 31.25 -4.42
C ALA A 229 -13.33 31.26 -5.73
N ILE A 230 -12.12 30.74 -5.68
CA ILE A 230 -11.26 30.58 -6.85
C ILE A 230 -10.90 29.11 -6.97
N ILE A 231 -11.11 28.55 -8.16
CA ILE A 231 -10.85 27.13 -8.43
C ILE A 231 -9.60 27.03 -9.29
N ILE A 232 -8.61 26.29 -8.79
CA ILE A 232 -7.32 26.14 -9.45
C ILE A 232 -7.28 24.78 -10.13
N GLY A 233 -6.99 24.78 -11.44
CA GLY A 233 -6.89 23.56 -12.21
C GLY A 233 -5.56 23.48 -12.93
N GLN A 234 -5.40 22.39 -13.68
CA GLN A 234 -4.17 22.17 -14.42
C GLN A 234 -3.99 23.19 -15.55
N GLU A 235 -5.09 23.78 -16.01
CA GLU A 235 -5.06 24.75 -17.10
C GLU A 235 -5.60 26.13 -16.72
N SER A 236 -6.70 26.21 -15.99
CA SER A 236 -7.41 27.47 -15.85
C SER A 236 -7.60 27.84 -14.39
N ILE A 237 -7.70 29.14 -14.15
CA ILE A 237 -8.02 29.71 -12.84
C ILE A 237 -9.30 30.49 -12.99
N THR A 238 -10.31 30.14 -12.19
CA THR A 238 -11.64 30.71 -12.32
C THR A 238 -12.11 31.28 -11.00
N TYR A 239 -12.77 32.44 -11.07
CA TYR A 239 -13.38 33.08 -9.91
C TYR A 239 -14.89 32.89 -9.99
N HIS A 240 -15.47 32.33 -8.93
CA HIS A 240 -16.89 31.95 -8.93
C HIS A 240 -17.61 32.76 -7.86
N ASN A 241 -18.68 33.43 -8.27
CA ASN A 241 -19.56 34.15 -7.36
C ASN A 241 -20.92 34.27 -8.04
N GLY A 242 -21.91 34.70 -7.27
CA GLY A 242 -23.22 34.91 -7.84
C GLY A 242 -23.19 35.92 -8.97
N ASP A 243 -23.50 35.46 -10.19
CA ASP A 243 -23.47 36.30 -11.38
C ASP A 243 -22.09 36.93 -11.59
N LYS A 244 -21.05 36.13 -11.40
CA LYS A 244 -19.68 36.62 -11.53
C LYS A 244 -18.81 35.43 -11.94
N TYR A 245 -18.34 35.43 -13.19
CA TYR A 245 -17.51 34.34 -13.71
C TYR A 245 -16.35 34.94 -14.49
N LEU A 246 -15.16 34.91 -13.88
CA LEU A 246 -13.93 35.32 -14.53
C LEU A 246 -13.01 34.12 -14.69
N ALA A 247 -12.44 33.96 -15.88
CA ALA A 247 -11.59 32.81 -16.18
C ALA A 247 -10.38 33.25 -16.98
N ILE A 248 -9.23 32.66 -16.67
CA ILE A 248 -7.99 32.88 -17.40
C ILE A 248 -7.32 31.53 -17.65
N ALA A 249 -6.51 31.48 -18.70
CA ALA A 249 -5.71 30.29 -19.04
C ALA A 249 -4.28 30.72 -19.30
N PRO A 250 -3.51 30.97 -18.25
CA PRO A 250 -2.14 31.47 -18.43
C PRO A 250 -1.22 30.35 -18.91
N PRO A 251 -0.47 30.60 -19.99
CA PRO A 251 0.44 29.56 -20.50
C PRO A 251 1.55 29.20 -19.54
N ILE A 252 1.83 30.03 -18.54
CA ILE A 252 2.96 29.79 -17.66
C ILE A 252 2.71 28.70 -16.63
N ILE A 253 1.45 28.32 -16.40
CA ILE A 253 1.15 27.29 -15.41
C ILE A 253 0.80 25.95 -16.03
N LYS A 254 0.94 25.80 -17.35
CA LYS A 254 0.62 24.54 -18.01
C LYS A 254 1.63 23.45 -17.69
N GLN A 255 2.87 23.80 -17.37
CA GLN A 255 3.93 22.82 -17.26
C GLN A 255 3.87 22.00 -15.97
N SER A 256 3.18 22.49 -14.94
CA SER A 256 3.20 21.79 -13.67
C SER A 256 1.90 22.07 -12.93
N THR A 257 1.57 21.19 -11.97
CA THR A 257 0.32 21.31 -11.23
C THR A 257 0.55 22.07 -9.93
N ILE A 258 -0.38 22.98 -9.62
CA ILE A 258 -0.27 23.75 -8.38
C ILE A 258 -0.88 22.95 -7.24
N VAL A 259 -0.15 22.84 -6.13
CA VAL A 259 -0.55 21.95 -5.04
C VAL A 259 -0.70 22.70 -3.72
N CYS A 260 -0.32 23.96 -3.68
CA CYS A 260 -0.37 24.70 -2.42
C CYS A 260 -0.66 26.17 -2.70
N HIS A 261 -1.20 26.84 -1.68
CA HIS A 261 -1.53 28.26 -1.77
C HIS A 261 -1.46 28.89 -0.39
N ASN A 262 -1.31 30.21 -0.37
CA ASN A 262 -1.31 30.98 0.86
C ASN A 262 -1.74 32.41 0.57
N ARG A 263 -2.41 33.02 1.54
CA ARG A 263 -2.93 34.38 1.38
C ARG A 263 -1.89 35.38 1.89
N VAL A 264 -1.57 36.38 1.05
CA VAL A 264 -0.51 37.32 1.39
C VAL A 264 -1.06 38.50 2.17
N ASP A 265 -2.00 39.22 1.59
CA ASP A 265 -2.52 40.36 2.33
C ASP A 265 -3.90 40.04 2.89
N PRO A 266 -4.26 40.66 4.02
CA PRO A 266 -5.55 40.31 4.67
C PRO A 266 -6.77 40.63 3.81
N ASN A 267 -6.66 41.52 2.84
CA ASN A 267 -7.79 41.87 1.99
C ASN A 267 -7.98 40.91 0.82
N GLY A 268 -7.12 39.92 0.67
CA GLY A 268 -7.29 38.94 -0.38
C GLY A 268 -6.93 39.43 -1.77
N SER A 269 -6.10 40.48 -1.89
CA SER A 269 -5.70 40.95 -3.20
C SER A 269 -4.55 40.13 -3.79
N ARG A 270 -3.80 39.41 -2.95
CA ARG A 270 -2.60 38.70 -3.39
C ARG A 270 -2.59 37.29 -2.83
N TYR A 271 -2.13 36.34 -3.64
CA TYR A 271 -2.01 34.95 -3.24
C TYR A 271 -0.70 34.36 -3.78
N LEU A 272 -0.18 33.37 -3.08
CA LEU A 272 1.02 32.66 -3.49
C LEU A 272 0.67 31.23 -3.90
N LEU A 273 1.13 30.82 -5.06
CA LEU A 273 0.88 29.48 -5.59
C LEU A 273 2.20 28.74 -5.71
N GLY A 274 2.17 27.45 -5.43
CA GLY A 274 3.36 26.61 -5.55
C GLY A 274 3.02 25.32 -6.28
N ASP A 275 3.96 24.88 -7.10
CA ASP A 275 3.76 23.70 -7.93
C ASP A 275 4.79 22.63 -7.60
N MET A 276 4.60 21.46 -8.21
CA MET A 276 5.39 20.27 -7.86
C MET A 276 6.85 20.38 -8.29
N GLU A 277 7.17 21.28 -9.22
CA GLU A 277 8.55 21.39 -9.70
C GLU A 277 9.38 22.40 -8.92
N GLY A 278 8.78 23.15 -8.01
CA GLY A 278 9.51 24.14 -7.24
C GLY A 278 9.41 25.56 -7.72
N ARG A 279 8.48 25.88 -8.62
CA ARG A 279 8.27 27.25 -9.02
C ARG A 279 7.28 27.95 -8.08
N LEU A 280 7.44 29.26 -7.97
CA LEU A 280 6.63 30.08 -7.08
C LEU A 280 5.90 31.12 -7.92
N PHE A 281 4.58 31.21 -7.73
CA PHE A 281 3.75 32.14 -8.48
C PHE A 281 3.03 33.08 -7.52
N MET A 282 2.67 34.25 -8.05
CA MET A 282 1.84 35.21 -7.33
C MET A 282 0.59 35.48 -8.16
N LEU A 283 -0.57 35.34 -7.55
CA LEU A 283 -1.85 35.59 -8.21
C LEU A 283 -2.36 36.96 -7.79
N LEU A 284 -2.56 37.84 -8.76
CA LEU A 284 -3.00 39.21 -8.52
C LEU A 284 -4.47 39.35 -8.88
N LEU A 285 -5.23 39.98 -7.99
CA LEU A 285 -6.64 40.26 -8.20
C LEU A 285 -6.84 41.76 -8.30
N GLU A 286 -7.51 42.20 -9.36
CA GLU A 286 -7.73 43.62 -9.61
C GLU A 286 -9.14 44.02 -9.21
N LYS A 287 -9.27 45.18 -8.59
CA LYS A 287 -10.54 45.61 -8.01
C LYS A 287 -10.94 46.98 -8.53
N GLU A 288 -12.25 47.24 -8.52
CA GLU A 288 -12.78 48.58 -8.71
C GLU A 288 -13.76 48.82 -7.57
N VAL A 295 -14.79 46.76 -4.58
CA VAL A 295 -16.13 46.22 -4.37
C VAL A 295 -16.44 45.13 -5.39
N THR A 296 -15.72 45.15 -6.51
CA THR A 296 -15.94 44.17 -7.56
C THR A 296 -14.61 43.82 -8.21
N LEU A 297 -14.54 42.62 -8.79
CA LEU A 297 -13.32 42.10 -9.38
C LEU A 297 -13.33 42.33 -10.88
N LYS A 298 -12.17 42.69 -11.43
CA LYS A 298 -12.05 42.95 -12.86
C LYS A 298 -11.24 41.89 -13.60
N ASP A 299 -10.04 41.57 -13.12
CA ASP A 299 -9.16 40.69 -13.86
C ASP A 299 -8.27 39.90 -12.92
N LEU A 300 -7.69 38.82 -13.43
CA LEU A 300 -6.72 38.00 -12.71
C LEU A 300 -5.43 37.95 -13.51
N ARG A 301 -4.31 38.08 -12.80
CA ARG A 301 -2.99 38.03 -13.42
C ARG A 301 -2.10 37.04 -12.67
N VAL A 302 -1.23 36.35 -13.41
CA VAL A 302 -0.30 35.39 -12.85
C VAL A 302 1.10 35.76 -13.33
N GLU A 303 2.04 35.82 -12.39
CA GLU A 303 3.44 36.07 -12.73
C GLU A 303 4.32 35.10 -11.94
N LEU A 304 5.50 34.81 -12.50
CA LEU A 304 6.42 33.84 -11.93
C LEU A 304 7.49 34.58 -11.13
N LEU A 305 7.64 34.22 -9.85
CA LEU A 305 8.60 34.90 -8.99
C LEU A 305 9.98 34.26 -9.03
N GLY A 306 10.07 32.94 -9.08
CA GLY A 306 11.35 32.29 -9.11
C GLY A 306 11.21 30.82 -8.75
N GLU A 307 12.32 30.23 -8.33
CA GLU A 307 12.40 28.82 -8.00
C GLU A 307 12.83 28.63 -6.55
N THR A 308 12.14 27.74 -5.85
CA THR A 308 12.45 27.37 -4.48
C THR A 308 12.54 25.85 -4.39
N SER A 309 12.61 25.34 -3.17
CA SER A 309 12.57 23.91 -2.97
C SER A 309 11.18 23.37 -3.30
N ILE A 310 11.10 22.08 -3.59
CA ILE A 310 9.81 21.44 -3.89
C ILE A 310 8.95 21.54 -2.64
N ALA A 311 7.87 22.32 -2.72
CA ALA A 311 7.17 22.75 -1.52
C ALA A 311 5.94 21.91 -1.24
N GLU A 312 5.70 21.66 0.04
CA GLU A 312 4.48 21.04 0.54
C GLU A 312 3.51 22.05 1.11
N CYS A 313 4.01 23.10 1.75
CA CYS A 313 3.18 24.16 2.31
C CYS A 313 3.91 25.49 2.22
N LEU A 314 3.13 26.55 2.04
CA LEU A 314 3.62 27.92 1.98
C LEU A 314 2.97 28.74 3.08
N THR A 315 3.69 29.76 3.55
CA THR A 315 3.15 30.67 4.55
C THR A 315 3.90 32.00 4.42
N TYR A 316 3.15 33.10 4.37
CA TYR A 316 3.74 34.42 4.32
C TYR A 316 3.95 34.97 5.73
N LEU A 317 5.16 35.46 5.99
CA LEU A 317 5.54 35.97 7.30
C LEU A 317 5.99 37.42 7.20
N ASP A 318 5.61 38.22 8.19
CA ASP A 318 6.08 39.60 8.34
C ASP A 318 5.91 40.41 7.06
N ASN A 319 7.03 40.90 6.52
CA ASN A 319 7.00 41.69 5.29
C ASN A 319 8.08 41.18 4.35
N GLY A 320 7.66 40.55 3.26
CA GLY A 320 8.58 40.07 2.25
C GLY A 320 9.27 38.76 2.58
N VAL A 321 8.89 38.10 3.66
CA VAL A 321 9.51 36.85 4.09
C VAL A 321 8.49 35.73 3.93
N VAL A 322 8.92 34.64 3.28
CA VAL A 322 8.05 33.50 3.01
C VAL A 322 8.75 32.24 3.51
N PHE A 323 8.00 31.38 4.19
CA PHE A 323 8.53 30.10 4.66
C PHE A 323 8.10 29.01 3.70
N VAL A 324 9.07 28.26 3.19
CA VAL A 324 8.83 27.14 2.29
C VAL A 324 9.07 25.86 3.08
N GLY A 325 8.01 25.10 3.31
CA GLY A 325 8.09 23.84 4.03
C GLY A 325 8.08 22.68 3.07
N SER A 326 9.13 21.86 3.12
CA SER A 326 9.36 20.81 2.15
C SER A 326 9.43 19.45 2.82
N ARG A 327 8.84 18.45 2.18
CA ARG A 327 8.99 17.07 2.60
C ARG A 327 10.09 16.35 1.82
N LEU A 328 10.35 16.76 0.58
CA LEU A 328 11.36 16.13 -0.25
C LEU A 328 12.74 16.71 -0.06
N GLY A 329 12.86 17.93 0.47
CA GLY A 329 14.16 18.56 0.62
C GLY A 329 14.22 19.56 1.75
N ASP A 330 15.28 20.36 1.77
CA ASP A 330 15.48 21.33 2.84
C ASP A 330 14.43 22.42 2.81
N SER A 331 13.93 22.79 3.99
CA SER A 331 13.02 23.91 4.11
C SER A 331 13.78 25.22 3.98
N GLN A 332 13.11 26.23 3.44
CA GLN A 332 13.78 27.48 3.08
C GLN A 332 13.03 28.68 3.64
N LEU A 333 13.79 29.74 3.90
CA LEU A 333 13.24 31.06 4.15
C LEU A 333 13.71 31.96 3.02
N VAL A 334 12.76 32.58 2.32
CA VAL A 334 13.08 33.35 1.13
C VAL A 334 12.54 34.77 1.26
N LYS A 335 13.15 35.69 0.52
CA LYS A 335 12.78 37.09 0.51
C LYS A 335 12.25 37.45 -0.88
N LEU A 336 11.15 38.19 -0.91
CA LEU A 336 10.51 38.60 -2.16
C LEU A 336 10.98 40.00 -2.57
N ASN A 337 12.09 40.04 -3.29
CA ASN A 337 12.63 41.30 -3.77
C ASN A 337 11.87 41.77 -4.99
N VAL A 338 11.73 43.09 -5.11
CA VAL A 338 11.18 43.67 -6.35
C VAL A 338 12.19 43.55 -7.48
N ASP A 339 13.48 43.61 -7.17
CA ASP A 339 14.53 43.52 -8.19
C ASP A 339 14.48 42.16 -8.87
N SER A 340 14.78 42.15 -10.17
CA SER A 340 14.82 40.92 -10.96
C SER A 340 16.27 40.62 -11.35
N ASN A 341 16.93 39.81 -10.52
CA ASN A 341 18.28 39.37 -10.85
C ASN A 341 18.29 38.52 -12.11
N GLU A 342 17.45 37.48 -12.15
CA GLU A 342 17.26 36.67 -13.34
C GLU A 342 15.79 36.39 -13.65
N GLN A 343 14.89 36.60 -12.71
CA GLN A 343 13.47 36.38 -12.91
C GLN A 343 12.71 37.53 -12.27
N GLY A 344 11.58 37.90 -12.87
CA GLY A 344 10.78 39.00 -12.37
C GLY A 344 10.36 38.82 -10.92
N SER A 345 10.70 39.78 -10.08
CA SER A 345 10.50 39.68 -8.63
C SER A 345 11.12 38.40 -8.09
N TYR A 346 12.44 38.29 -8.28
CA TYR A 346 13.15 37.06 -7.98
C TYR A 346 13.18 36.80 -6.48
N VAL A 347 13.42 35.54 -6.12
CA VAL A 347 13.46 35.13 -4.72
C VAL A 347 14.91 35.07 -4.26
N VAL A 348 15.17 35.59 -3.07
CA VAL A 348 16.51 35.54 -2.49
C VAL A 348 16.49 34.64 -1.27
N ALA A 349 17.35 33.63 -1.26
CA ALA A 349 17.40 32.68 -0.17
C ALA A 349 18.13 33.31 1.03
N MET A 350 17.53 33.18 2.22
CA MET A 350 18.12 33.75 3.42
C MET A 350 18.44 32.73 4.50
N GLU A 351 17.79 31.56 4.49
CA GLU A 351 18.04 30.55 5.51
C GLU A 351 17.56 29.19 4.99
N THR A 352 18.22 28.14 5.46
CA THR A 352 17.85 26.77 5.10
C THR A 352 17.80 25.90 6.36
N PHE A 353 16.92 24.90 6.34
CA PHE A 353 16.72 24.00 7.46
C PHE A 353 16.85 22.56 6.98
N THR A 354 17.53 21.75 7.78
CA THR A 354 17.87 20.39 7.37
C THR A 354 16.63 19.51 7.31
N ASN A 355 16.53 18.68 6.28
CA ASN A 355 15.48 17.68 6.16
C ASN A 355 16.10 16.41 5.58
N LEU A 356 16.20 15.37 6.42
CA LEU A 356 16.75 14.11 5.95
C LEU A 356 15.80 13.42 4.98
N GLY A 357 14.54 13.86 4.94
CA GLY A 357 13.62 13.48 3.89
C GLY A 357 13.40 11.99 3.77
N PRO A 358 13.07 11.55 2.56
CA PRO A 358 12.83 10.13 2.33
C PRO A 358 14.11 9.31 2.27
N ILE A 359 14.61 8.88 3.43
CA ILE A 359 15.78 8.02 3.47
C ILE A 359 15.44 6.70 2.76
N VAL A 360 16.10 6.45 1.64
CA VAL A 360 15.84 5.27 0.83
C VAL A 360 16.82 4.14 1.15
N ASP A 361 18.10 4.47 1.32
CA ASP A 361 19.11 3.49 1.65
C ASP A 361 20.14 4.12 2.57
N MET A 362 20.86 3.27 3.31
CA MET A 362 21.86 3.74 4.25
C MET A 362 22.91 2.68 4.48
N CYS A 363 24.08 3.12 4.96
CA CYS A 363 25.18 2.23 5.31
C CYS A 363 25.97 2.84 6.46
N VAL A 364 26.73 1.98 7.15
CA VAL A 364 27.53 2.38 8.31
C VAL A 364 28.99 2.10 8.00
N VAL A 365 29.86 3.08 8.24
CA VAL A 365 31.27 3.01 7.87
C VAL A 365 32.12 3.58 9.01
N ASP A 366 33.42 3.34 8.92
CA ASP A 366 34.42 3.93 9.83
C ASP A 366 34.08 3.65 11.30
N LEU A 367 34.12 2.37 11.66
CA LEU A 367 33.61 1.95 12.96
C LEU A 367 34.47 2.48 14.11
N GLU A 368 35.76 2.70 13.86
CA GLU A 368 36.65 3.17 14.91
C GLU A 368 36.52 4.68 15.10
N ARG A 369 37.24 5.19 16.09
CA ARG A 369 37.27 6.63 16.37
C ARG A 369 37.78 7.41 15.16
N GLN A 372 33.85 5.25 16.68
CA GLN A 372 32.53 5.81 16.41
C GLN A 372 32.18 5.67 14.92
N GLY A 373 31.17 4.85 14.63
CA GLY A 373 30.76 4.67 13.26
C GLY A 373 30.01 5.87 12.73
N GLN A 374 29.91 5.93 11.41
CA GLN A 374 29.26 7.03 10.70
C GLN A 374 28.15 6.47 9.83
N LEU A 375 27.06 7.23 9.69
CA LEU A 375 25.91 6.80 8.92
C LEU A 375 25.79 7.64 7.66
N VAL A 376 25.74 6.98 6.51
CA VAL A 376 25.62 7.65 5.21
C VAL A 376 24.29 7.25 4.61
N THR A 377 23.45 8.25 4.29
CA THR A 377 22.08 8.00 3.86
C THR A 377 21.82 8.64 2.52
N CYS A 378 20.98 7.99 1.72
CA CYS A 378 20.49 8.55 0.47
C CYS A 378 19.17 9.27 0.74
N SER A 379 19.17 10.59 0.58
CA SER A 379 18.05 11.41 1.02
C SER A 379 17.56 12.28 -0.13
N GLY A 380 16.26 12.57 -0.11
CA GLY A 380 15.68 13.47 -1.09
C GLY A 380 15.33 12.83 -2.41
N ALA A 381 14.71 13.59 -3.30
CA ALA A 381 14.36 13.13 -4.63
C ALA A 381 14.39 14.30 -5.59
N PHE A 382 14.57 13.98 -6.87
CA PHE A 382 14.66 14.96 -7.97
C PHE A 382 15.84 15.89 -7.67
N LYS A 383 15.70 17.20 -7.79
CA LYS A 383 16.83 18.10 -7.57
C LYS A 383 17.22 18.21 -6.11
N GLU A 384 16.39 17.71 -5.20
CA GLU A 384 16.71 17.75 -3.78
C GLU A 384 17.58 16.57 -3.34
N GLY A 385 17.89 15.65 -4.24
CA GLY A 385 18.71 14.50 -3.91
C GLY A 385 20.07 14.87 -3.39
N SER A 386 20.44 14.29 -2.25
CA SER A 386 21.73 14.57 -1.63
C SER A 386 22.14 13.39 -0.76
N LEU A 387 23.42 13.34 -0.44
CA LEU A 387 23.96 12.35 0.49
C LEU A 387 24.17 13.01 1.85
N ARG A 388 23.71 12.34 2.90
CA ARG A 388 23.82 12.85 4.26
C ARG A 388 24.80 12.00 5.04
N ILE A 389 25.78 12.65 5.66
CA ILE A 389 26.77 11.98 6.52
C ILE A 389 26.50 12.42 7.95
N ILE A 390 26.15 11.46 8.80
CA ILE A 390 25.67 11.73 10.15
C ILE A 390 26.62 11.07 11.15
N ARG A 391 27.05 11.85 12.14
CA ARG A 391 27.91 11.34 13.19
C ARG A 391 27.22 11.38 14.54
N LEU A 406 24.03 15.87 17.27
CA LEU A 406 24.11 15.20 15.98
C LEU A 406 24.67 16.12 14.90
N HIS A 407 25.72 15.66 14.23
CA HIS A 407 26.42 16.43 13.21
C HIS A 407 26.07 15.86 11.85
N ILE A 408 25.60 16.73 10.95
CA ILE A 408 25.10 16.32 9.64
C ILE A 408 25.84 17.10 8.57
N ARG A 409 26.30 16.39 7.54
CA ARG A 409 26.96 16.99 6.39
C ARG A 409 26.18 16.65 5.13
N THR A 410 26.00 17.63 4.26
CA THR A 410 25.18 17.49 3.07
C THR A 410 26.04 17.59 1.81
N VAL A 411 25.87 16.62 0.92
CA VAL A 411 26.54 16.62 -0.38
C VAL A 411 25.47 16.64 -1.47
N PRO A 412 25.22 17.79 -2.10
CA PRO A 412 24.16 17.84 -3.12
C PRO A 412 24.52 17.04 -4.36
N LEU A 413 23.54 16.30 -4.87
CA LEU A 413 23.71 15.50 -6.08
C LEU A 413 22.85 15.98 -7.24
N TYR A 414 21.73 16.64 -6.95
CA TYR A 414 20.79 17.13 -7.95
C TYR A 414 20.17 16.02 -8.80
N GLU A 415 20.08 14.81 -8.24
CA GLU A 415 19.34 13.72 -8.84
C GLU A 415 18.96 12.74 -7.74
N SER A 416 18.09 11.80 -8.08
CA SER A 416 17.53 10.90 -7.07
C SER A 416 18.53 9.79 -6.73
N PRO A 417 18.97 9.69 -5.48
CA PRO A 417 19.82 8.56 -5.07
C PRO A 417 18.97 7.38 -4.61
N ARG A 418 19.25 6.20 -5.14
CA ARG A 418 18.45 5.03 -4.83
C ARG A 418 19.11 4.11 -3.79
N LYS A 419 20.33 3.64 -4.06
CA LYS A 419 21.00 2.70 -3.18
C LYS A 419 22.45 3.12 -2.99
N ILE A 420 23.03 2.74 -1.85
CA ILE A 420 24.40 3.09 -1.50
C ILE A 420 25.10 1.87 -0.91
N CYS A 421 26.38 1.74 -1.21
CA CYS A 421 27.24 0.70 -0.64
C CYS A 421 28.65 1.26 -0.52
N TYR A 422 29.46 0.63 0.34
CA TYR A 422 30.79 1.11 0.65
C TYR A 422 31.83 0.05 0.29
N GLN A 423 32.94 0.49 -0.32
CA GLN A 423 34.04 -0.38 -0.71
C GLN A 423 35.30 0.15 -0.04
N GLU A 424 35.79 -0.59 0.96
CA GLU A 424 36.89 -0.11 1.79
C GLU A 424 38.23 -0.22 1.07
N VAL A 425 38.39 -1.21 0.19
CA VAL A 425 39.66 -1.40 -0.50
C VAL A 425 39.97 -0.21 -1.42
N SER A 426 38.96 0.29 -2.14
CA SER A 426 39.16 1.41 -3.04
C SER A 426 38.83 2.75 -2.41
N GLN A 427 38.32 2.76 -1.17
CA GLN A 427 37.96 3.99 -0.46
C GLN A 427 36.98 4.83 -1.27
N CYS A 428 35.83 4.23 -1.59
CA CYS A 428 34.83 4.88 -2.41
C CYS A 428 33.44 4.35 -2.05
N PHE A 429 32.43 5.12 -2.42
CA PHE A 429 31.03 4.75 -2.24
C PHE A 429 30.41 4.52 -3.62
N GLY A 430 29.72 3.40 -3.77
CA GLY A 430 28.95 3.13 -4.97
C GLY A 430 27.50 3.46 -4.77
N VAL A 431 26.95 4.36 -5.59
CA VAL A 431 25.58 4.83 -5.44
C VAL A 431 24.87 4.66 -6.78
N LEU A 432 23.68 4.04 -6.74
CA LEU A 432 22.80 4.01 -7.90
C LEU A 432 21.92 5.24 -7.89
N SER A 433 21.78 5.89 -9.04
CA SER A 433 21.00 7.11 -9.14
C SER A 433 20.20 7.09 -10.44
N SER A 434 19.29 8.05 -10.56
CA SER A 434 18.48 8.19 -11.76
C SER A 434 18.10 9.66 -11.95
N ARG A 435 18.03 10.08 -13.20
CA ARG A 435 17.66 11.45 -13.54
C ARG A 435 16.62 11.44 -14.66
N ILE A 436 15.77 12.46 -14.65
CA ILE A 436 14.68 12.56 -15.60
C ILE A 436 15.13 13.37 -16.80
N GLU A 437 14.86 12.86 -17.99
CA GLU A 437 15.24 13.52 -19.23
C GLU A 437 14.06 13.51 -20.20
N VAL A 438 14.00 14.54 -21.04
CA VAL A 438 12.88 14.73 -21.96
C VAL A 438 13.34 14.35 -23.36
N GLN A 439 12.39 13.90 -24.19
CA GLN A 439 12.71 13.49 -25.55
C GLN A 439 12.63 14.68 -26.50
N ASP A 440 13.74 14.99 -27.13
CA ASP A 440 13.81 16.09 -28.09
C ASP A 440 13.32 15.57 -29.44
N THR A 441 12.85 16.48 -30.29
CA THR A 441 12.28 16.12 -31.59
C THR A 441 13.22 15.23 -32.40
N SER A 442 14.53 15.46 -32.29
CA SER A 442 15.49 14.66 -33.04
C SER A 442 15.53 13.21 -32.59
N GLY A 443 14.90 12.89 -31.46
CA GLY A 443 14.90 11.55 -30.92
C GLY A 443 15.85 11.34 -29.77
N GLY A 444 16.79 12.26 -29.56
CA GLY A 444 17.71 12.14 -28.45
C GLY A 444 17.12 12.64 -27.15
N THR A 445 17.71 12.15 -26.06
CA THR A 445 17.31 12.58 -24.73
C THR A 445 18.14 13.79 -24.29
N THR A 446 17.49 14.72 -23.60
CA THR A 446 18.14 15.93 -23.14
C THR A 446 17.79 16.19 -21.67
N ALA A 447 18.77 16.68 -20.92
CA ALA A 447 18.62 16.90 -19.49
C ALA A 447 18.15 18.31 -19.20
N LEU A 448 17.35 18.46 -18.13
CA LEU A 448 16.84 19.78 -17.78
C LEU A 448 17.83 20.62 -16.98
N ARG A 449 18.79 19.99 -16.32
CA ARG A 449 19.72 20.72 -15.46
C ARG A 449 20.98 19.89 -15.31
N PRO A 450 22.11 20.52 -14.97
CA PRO A 450 23.34 19.75 -14.75
C PRO A 450 23.31 19.06 -13.39
N SER A 451 23.49 17.75 -13.40
CA SER A 451 23.44 16.95 -12.18
C SER A 451 24.79 16.28 -11.98
N ALA A 452 24.87 15.48 -10.91
CA ALA A 452 26.13 14.84 -10.55
C ALA A 452 26.60 13.88 -11.64
N SER A 453 25.66 13.20 -12.30
CA SER A 453 26.02 12.24 -13.33
C SER A 453 26.60 12.89 -14.57
N THR A 454 26.32 14.18 -14.80
CA THR A 454 26.82 14.88 -15.97
C THR A 454 28.14 15.61 -15.74
N GLN A 455 28.59 15.73 -14.49
CA GLN A 455 29.84 16.41 -14.19
C GLN A 455 30.93 15.47 -13.69
N ALA A 456 30.78 14.17 -13.92
CA ALA A 456 31.79 13.22 -13.48
C ALA A 456 33.06 13.37 -14.30
N LEU A 457 34.20 13.13 -13.66
CA LEU A 457 35.49 13.30 -14.33
C LEU A 457 35.64 12.35 -15.51
N SER A 458 35.25 11.08 -15.34
CA SER A 458 35.30 10.11 -16.41
C SER A 458 33.95 9.41 -16.49
N SER A 459 33.54 9.10 -17.71
CA SER A 459 32.22 8.54 -17.94
C SER A 459 32.32 7.40 -18.95
N SER A 460 31.39 6.46 -18.86
CA SER A 460 31.33 5.35 -19.78
C SER A 460 29.88 4.91 -19.97
N VAL A 461 29.63 4.26 -21.10
CA VAL A 461 28.29 3.81 -21.46
C VAL A 461 28.37 2.33 -21.80
N SER A 462 27.33 1.58 -21.39
CA SER A 462 27.33 0.14 -21.61
C SER A 462 27.38 -0.20 -23.09
N SER A 463 26.62 0.50 -23.92
CA SER A 463 26.67 0.30 -25.35
C SER A 463 26.27 1.60 -26.05
N SER A 464 26.96 1.90 -27.15
CA SER A 464 26.71 3.14 -27.88
C SER A 464 25.35 3.09 -28.57
N LYS A 465 24.43 3.94 -28.15
CA LYS A 465 23.10 4.02 -28.72
C LYS A 465 22.66 5.47 -28.76
N LEU A 466 21.61 5.73 -29.55
CA LEU A 466 21.06 7.07 -29.68
C LEU A 466 20.44 7.54 -28.36
N PHE A 478 7.13 12.24 -28.45
CA PHE A 478 7.90 13.44 -28.16
C PHE A 478 7.47 14.05 -26.83
N GLY A 479 8.39 14.81 -26.23
CA GLY A 479 8.17 15.49 -24.95
C GLY A 479 7.87 14.50 -23.83
N GLU A 480 8.19 13.23 -24.05
CA GLU A 480 7.98 12.22 -23.02
C GLU A 480 9.21 12.09 -22.14
N GLU A 481 8.98 11.80 -20.87
CA GLU A 481 10.05 11.73 -19.90
C GLU A 481 10.55 10.30 -19.75
N VAL A 482 11.86 10.12 -19.96
CA VAL A 482 12.51 8.83 -19.80
C VAL A 482 13.49 8.95 -18.65
N GLU A 483 13.63 7.86 -17.89
CA GLU A 483 14.47 7.84 -16.70
C GLU A 483 15.78 7.14 -17.01
N VAL A 484 16.88 7.83 -16.74
CA VAL A 484 18.22 7.32 -17.05
C VAL A 484 18.91 6.95 -15.76
N HIS A 485 19.38 5.70 -15.68
CA HIS A 485 19.97 5.15 -14.47
C HIS A 485 21.49 5.16 -14.59
N ASN A 486 22.16 5.57 -13.52
CA ASN A 486 23.60 5.68 -13.50
C ASN A 486 24.17 5.05 -12.24
N LEU A 487 25.41 4.59 -12.35
CA LEU A 487 26.21 4.17 -11.20
C LEU A 487 27.33 5.17 -11.01
N LEU A 488 27.42 5.74 -9.81
CA LEU A 488 28.40 6.78 -9.52
C LEU A 488 29.36 6.29 -8.45
N ILE A 489 30.64 6.64 -8.62
CA ILE A 489 31.68 6.34 -7.65
C ILE A 489 32.06 7.65 -6.96
N ILE A 490 31.90 7.68 -5.64
CA ILE A 490 32.05 8.90 -4.85
C ILE A 490 33.21 8.71 -3.87
N ASP A 491 34.15 9.64 -3.88
CA ASP A 491 35.34 9.53 -3.04
C ASP A 491 34.97 9.67 -1.57
N GLN A 492 35.66 8.90 -0.73
CA GLN A 492 35.37 8.91 0.70
C GLN A 492 35.71 10.25 1.34
N HIS A 493 36.85 10.84 0.96
CA HIS A 493 37.34 12.01 1.68
C HIS A 493 36.71 13.31 1.19
N THR A 494 36.61 13.50 -0.13
CA THR A 494 36.09 14.74 -0.69
C THR A 494 34.66 14.65 -1.20
N PHE A 495 34.12 13.44 -1.35
CA PHE A 495 32.78 13.19 -1.87
C PHE A 495 32.58 13.79 -3.26
N GLU A 496 33.67 13.98 -3.99
CA GLU A 496 33.58 14.33 -5.40
C GLU A 496 33.23 13.09 -6.22
N VAL A 497 32.50 13.30 -7.31
CA VAL A 497 32.11 12.21 -8.19
C VAL A 497 33.28 11.91 -9.11
N LEU A 498 33.74 10.66 -9.10
CA LEU A 498 34.91 10.25 -9.87
C LEU A 498 34.53 9.56 -11.17
N HIS A 499 33.53 8.69 -11.16
CA HIS A 499 33.15 7.96 -12.35
C HIS A 499 31.63 7.82 -12.40
N ALA A 500 31.09 7.93 -13.62
CA ALA A 500 29.67 7.74 -13.86
C ALA A 500 29.49 6.73 -14.98
N HIS A 501 28.64 5.73 -14.73
CA HIS A 501 28.34 4.68 -15.69
C HIS A 501 26.88 4.73 -16.06
N GLN A 502 26.59 4.78 -17.36
CA GLN A 502 25.22 4.87 -17.85
C GLN A 502 24.80 3.53 -18.43
N PHE A 503 23.62 3.05 -18.03
CA PHE A 503 23.14 1.76 -18.45
C PHE A 503 22.38 1.86 -19.78
N LEU A 504 21.94 0.71 -20.27
CA LEU A 504 21.29 0.62 -21.56
C LEU A 504 19.92 1.31 -21.53
N GLN A 505 19.33 1.45 -22.72
CA GLN A 505 18.00 2.02 -22.82
C GLN A 505 16.99 1.12 -22.12
N ASN A 506 16.02 1.75 -21.45
CA ASN A 506 14.94 1.08 -20.72
C ASN A 506 15.45 0.21 -19.58
N GLU A 507 16.68 0.41 -19.12
CA GLU A 507 17.26 -0.43 -18.10
C GLU A 507 17.05 0.18 -16.72
N TYR A 508 16.67 -0.66 -15.76
CA TYR A 508 16.39 -0.25 -14.40
C TYR A 508 17.36 -0.95 -13.46
N ALA A 509 18.05 -0.17 -12.63
CA ALA A 509 18.99 -0.72 -11.66
C ALA A 509 18.30 -0.83 -10.30
N LEU A 510 18.30 -2.04 -9.74
CA LEU A 510 17.51 -2.33 -8.54
C LEU A 510 18.35 -2.67 -7.32
N SER A 511 19.46 -3.39 -7.49
CA SER A 511 20.23 -3.88 -6.36
C SER A 511 21.71 -3.62 -6.58
N LEU A 512 22.45 -3.51 -5.47
CA LEU A 512 23.87 -3.20 -5.52
C LEU A 512 24.55 -3.75 -4.28
N VAL A 513 25.63 -4.51 -4.47
CA VAL A 513 26.42 -5.06 -3.39
C VAL A 513 27.89 -4.88 -3.69
N SER A 514 28.72 -4.90 -2.64
CA SER A 514 30.16 -4.89 -2.75
C SER A 514 30.69 -6.09 -1.97
N CYS A 515 31.41 -6.98 -2.64
CA CYS A 515 31.78 -8.24 -2.01
C CYS A 515 32.93 -8.88 -2.78
N LYS A 516 33.56 -9.86 -2.12
CA LYS A 516 34.55 -10.73 -2.73
C LYS A 516 33.92 -12.09 -2.99
N LEU A 517 34.22 -12.68 -4.15
CA LEU A 517 33.65 -13.94 -4.54
C LEU A 517 34.75 -14.97 -4.77
N GLY A 518 34.49 -16.19 -4.30
CA GLY A 518 35.37 -17.32 -4.49
C GLY A 518 36.76 -17.11 -3.91
N LYS A 519 37.75 -17.59 -4.66
CA LYS A 519 39.15 -17.45 -4.30
C LYS A 519 39.79 -16.22 -4.92
N ASP A 520 39.00 -15.20 -5.25
CA ASP A 520 39.51 -14.01 -5.92
C ASP A 520 39.78 -12.93 -4.88
N PRO A 521 41.01 -12.40 -4.80
CA PRO A 521 41.28 -11.32 -3.84
C PRO A 521 40.68 -9.98 -4.23
N ASN A 522 40.18 -9.84 -5.45
CA ASN A 522 39.65 -8.56 -5.90
C ASN A 522 38.27 -8.29 -5.30
N THR A 523 37.98 -7.01 -5.08
CA THR A 523 36.67 -6.58 -4.60
C THR A 523 35.88 -5.95 -5.75
N TYR A 524 34.62 -6.37 -5.90
CA TYR A 524 33.81 -6.03 -7.05
C TYR A 524 32.52 -5.31 -6.62
N PHE A 525 32.07 -4.39 -7.47
CA PHE A 525 30.70 -3.90 -7.41
C PHE A 525 29.81 -4.79 -8.26
N ILE A 526 28.70 -5.26 -7.70
CA ILE A 526 27.77 -6.11 -8.42
C ILE A 526 26.42 -5.42 -8.44
N VAL A 527 25.84 -5.27 -9.63
CA VAL A 527 24.60 -4.55 -9.85
C VAL A 527 23.62 -5.46 -10.58
N GLY A 528 22.38 -5.47 -10.14
CA GLY A 528 21.31 -6.25 -10.76
C GLY A 528 20.31 -5.34 -11.43
N THR A 529 20.02 -5.62 -12.70
CA THR A 529 19.20 -4.76 -13.53
C THR A 529 18.03 -5.53 -14.12
N ALA A 530 17.02 -4.78 -14.55
CA ALA A 530 15.86 -5.31 -15.23
C ALA A 530 15.51 -4.43 -16.43
N MET A 531 15.11 -5.07 -17.52
CA MET A 531 14.69 -4.36 -18.73
C MET A 531 13.17 -4.19 -18.70
N VAL A 532 12.72 -2.95 -18.56
CA VAL A 532 11.30 -2.64 -18.44
C VAL A 532 10.88 -1.86 -19.67
N TYR A 533 9.95 -2.42 -20.44
CA TYR A 533 9.27 -1.73 -21.53
C TYR A 533 7.81 -1.49 -21.14
N PRO A 534 7.25 -0.35 -21.57
CA PRO A 534 5.89 0.00 -21.12
C PRO A 534 4.81 -0.96 -21.60
N GLU A 535 5.07 -1.78 -22.61
CA GLU A 535 4.05 -2.64 -23.19
C GLU A 535 3.96 -4.02 -22.52
N GLU A 536 4.74 -4.28 -21.49
CA GLU A 536 4.61 -5.50 -20.71
C GLU A 536 4.85 -5.19 -19.24
N ALA A 537 4.02 -5.78 -18.38
CA ALA A 537 4.08 -5.47 -16.96
C ALA A 537 5.13 -6.28 -16.20
N GLU A 538 5.36 -7.53 -16.59
CA GLU A 538 6.34 -8.36 -15.93
C GLU A 538 7.63 -8.36 -16.75
N PRO A 539 8.77 -8.02 -16.16
CA PRO A 539 10.01 -7.95 -16.95
C PRO A 539 10.50 -9.33 -17.36
N LYS A 540 10.68 -9.51 -18.67
CA LYS A 540 11.14 -10.79 -19.19
C LYS A 540 12.65 -10.95 -19.13
N GLN A 541 13.40 -9.85 -19.12
CA GLN A 541 14.85 -9.92 -19.22
C GLN A 541 15.51 -9.05 -18.16
N GLY A 542 16.72 -9.44 -17.79
CA GLY A 542 17.55 -8.67 -16.87
C GLY A 542 18.96 -9.17 -16.96
N ARG A 543 19.87 -8.45 -16.31
CA ARG A 543 21.27 -8.86 -16.35
C ARG A 543 21.97 -8.44 -15.06
N ILE A 544 23.02 -9.19 -14.73
CA ILE A 544 23.87 -8.93 -13.56
C ILE A 544 25.25 -8.56 -14.07
N VAL A 545 25.76 -7.42 -13.60
CA VAL A 545 27.01 -6.86 -14.09
C VAL A 545 27.99 -6.75 -12.92
N VAL A 546 29.24 -7.15 -13.18
CA VAL A 546 30.31 -7.09 -12.19
C VAL A 546 31.30 -6.03 -12.64
N PHE A 547 31.52 -5.03 -11.80
CA PHE A 547 32.43 -3.93 -12.09
C PHE A 547 33.60 -3.95 -11.11
N GLN A 548 34.77 -3.55 -11.61
CA GLN A 548 35.95 -3.37 -10.78
C GLN A 548 36.44 -1.93 -10.92
N TYR A 549 36.78 -1.31 -9.80
CA TYR A 549 37.29 0.05 -9.78
C TYR A 549 38.77 0.02 -9.48
N SER A 550 39.59 0.22 -10.51
CA SER A 550 41.04 0.23 -10.34
C SER A 550 41.63 1.29 -11.27
N ASP A 551 42.69 1.93 -10.79
CA ASP A 551 43.39 2.98 -11.52
C ASP A 551 42.46 4.13 -11.91
N GLY A 552 41.48 4.44 -11.07
CA GLY A 552 40.58 5.53 -11.35
C GLY A 552 39.65 5.30 -12.51
N LYS A 553 39.50 4.05 -12.95
CA LYS A 553 38.65 3.73 -14.09
C LYS A 553 37.80 2.53 -13.74
N LEU A 554 36.54 2.54 -14.22
CA LEU A 554 35.60 1.47 -13.97
C LEU A 554 35.67 0.48 -15.11
N GLN A 555 35.91 -0.78 -14.80
CA GLN A 555 36.08 -1.84 -15.79
C GLN A 555 35.02 -2.90 -15.56
N THR A 556 34.39 -3.35 -16.64
CA THR A 556 33.37 -4.39 -16.57
C THR A 556 34.03 -5.75 -16.70
N VAL A 557 33.92 -6.57 -15.66
CA VAL A 557 34.62 -7.85 -15.65
C VAL A 557 33.74 -8.96 -16.21
N ALA A 558 32.51 -9.07 -15.73
CA ALA A 558 31.64 -10.16 -16.17
C ALA A 558 30.24 -9.63 -16.40
N GLU A 559 29.51 -10.32 -17.27
CA GLU A 559 28.15 -9.96 -17.65
C GLU A 559 27.33 -11.23 -17.81
N LYS A 560 26.18 -11.27 -17.16
CA LYS A 560 25.33 -12.46 -17.15
C LYS A 560 23.91 -12.07 -17.48
N GLU A 561 23.27 -12.84 -18.36
CA GLU A 561 21.89 -12.56 -18.74
C GLU A 561 20.95 -13.54 -18.03
N VAL A 562 19.89 -13.01 -17.42
CA VAL A 562 18.90 -13.80 -16.72
C VAL A 562 17.52 -13.44 -17.24
N LYS A 563 16.60 -14.39 -17.18
CA LYS A 563 15.23 -14.19 -17.66
C LYS A 563 14.33 -13.74 -16.51
N GLY A 564 14.48 -12.47 -16.14
CA GLY A 564 13.67 -11.90 -15.07
C GLY A 564 14.30 -10.63 -14.55
N ALA A 565 13.76 -10.19 -13.42
CA ALA A 565 14.24 -8.98 -12.75
C ALA A 565 14.97 -9.36 -11.47
N VAL A 566 16.11 -8.73 -11.24
CA VAL A 566 16.96 -9.00 -10.07
C VAL A 566 16.54 -8.01 -9.00
N TYR A 567 15.60 -8.41 -8.14
CA TYR A 567 15.10 -7.52 -7.10
C TYR A 567 16.06 -7.42 -5.93
N SER A 568 16.79 -8.49 -5.61
CA SER A 568 17.70 -8.46 -4.48
C SER A 568 18.90 -9.35 -4.76
N MET A 569 20.02 -8.96 -4.16
CA MET A 569 21.25 -9.75 -4.23
C MET A 569 21.99 -9.59 -2.91
N VAL A 570 22.57 -10.69 -2.43
CA VAL A 570 23.33 -10.71 -1.19
C VAL A 570 24.54 -11.61 -1.35
N GLU A 571 25.51 -11.43 -0.46
CA GLU A 571 26.68 -12.29 -0.43
C GLU A 571 26.49 -13.40 0.59
N PHE A 572 26.68 -14.64 0.16
CA PHE A 572 26.36 -15.82 0.96
C PHE A 572 27.57 -16.75 0.99
N ASN A 573 28.49 -16.50 1.92
CA ASN A 573 29.65 -17.36 2.17
C ASN A 573 30.46 -17.61 0.90
N GLY A 574 30.84 -16.52 0.23
CA GLY A 574 31.64 -16.61 -0.97
C GLY A 574 30.87 -16.89 -2.24
N LYS A 575 29.56 -16.93 -2.18
CA LYS A 575 28.71 -17.13 -3.35
C LYS A 575 27.70 -15.99 -3.44
N LEU A 576 27.20 -15.76 -4.63
CA LEU A 576 26.24 -14.68 -4.87
C LEU A 576 24.83 -15.24 -4.90
N LEU A 577 24.00 -14.78 -3.98
CA LEU A 577 22.60 -15.21 -3.90
C LEU A 577 21.75 -14.12 -4.55
N ALA A 578 21.01 -14.50 -5.58
CA ALA A 578 20.22 -13.55 -6.35
C ALA A 578 18.76 -13.99 -6.38
N SER A 579 17.85 -13.00 -6.37
CA SER A 579 16.42 -13.26 -6.47
C SER A 579 15.94 -12.73 -7.83
N ILE A 580 15.65 -13.66 -8.73
CA ILE A 580 15.19 -13.32 -10.07
C ILE A 580 13.73 -13.73 -10.18
N ASN A 581 12.83 -12.74 -10.20
CA ASN A 581 11.38 -12.94 -10.25
C ASN A 581 10.97 -13.77 -9.04
N SER A 582 10.46 -14.99 -9.21
CA SER A 582 10.10 -15.87 -8.10
C SER A 582 11.14 -16.96 -7.88
N THR A 583 12.32 -16.80 -8.45
CA THR A 583 13.38 -17.80 -8.43
C THR A 583 14.50 -17.32 -7.52
N VAL A 584 14.96 -18.19 -6.63
CA VAL A 584 16.12 -17.88 -5.78
C VAL A 584 17.26 -18.76 -6.30
N ARG A 585 18.34 -18.10 -6.69
CA ARG A 585 19.46 -18.77 -7.35
C ARG A 585 20.77 -18.43 -6.65
N LEU A 586 21.65 -19.41 -6.53
CA LEU A 586 22.97 -19.23 -5.94
C LEU A 586 24.04 -19.39 -7.00
N TYR A 587 24.97 -18.45 -7.04
CA TYR A 587 25.98 -18.36 -8.10
C TYR A 587 27.37 -18.55 -7.50
N GLU A 588 28.19 -19.33 -8.20
CA GLU A 588 29.60 -19.51 -7.86
C GLU A 588 30.46 -18.56 -8.69
N TRP A 589 31.69 -18.36 -8.22
CA TRP A 589 32.68 -17.58 -8.94
C TRP A 589 33.77 -18.51 -9.44
N THR A 590 33.90 -18.63 -10.76
CA THR A 590 34.87 -19.53 -11.35
C THR A 590 36.22 -18.82 -11.55
N THR A 591 37.24 -19.62 -11.85
CA THR A 591 38.57 -19.07 -12.05
C THR A 591 38.64 -18.22 -13.31
N GLU A 592 37.74 -18.46 -14.28
CA GLU A 592 37.70 -17.71 -15.51
C GLU A 592 36.79 -16.49 -15.43
N LYS A 593 36.54 -15.98 -14.21
CA LYS A 593 35.73 -14.78 -14.00
C LYS A 593 34.34 -14.93 -14.61
N GLU A 594 33.69 -16.05 -14.33
CA GLU A 594 32.35 -16.33 -14.82
C GLU A 594 31.43 -16.67 -13.65
N LEU A 595 30.15 -16.36 -13.80
CA LEU A 595 29.14 -16.73 -12.82
C LEU A 595 28.49 -18.03 -13.24
N ARG A 596 28.46 -19.00 -12.32
CA ARG A 596 27.99 -20.34 -12.60
C ARG A 596 26.90 -20.71 -11.60
N THR A 597 25.78 -21.22 -12.09
CA THR A 597 24.67 -21.57 -11.24
C THR A 597 24.97 -22.85 -10.46
N GLU A 598 24.63 -22.85 -9.17
CA GLU A 598 24.86 -24.01 -8.32
C GLU A 598 23.57 -24.67 -7.87
N CYS A 599 22.66 -23.93 -7.24
CA CYS A 599 21.40 -24.50 -6.77
C CYS A 599 20.28 -23.53 -7.06
N ASN A 600 19.07 -24.08 -7.21
CA ASN A 600 17.91 -23.34 -7.67
C ASN A 600 16.71 -23.72 -6.83
N HIS A 601 15.98 -22.73 -6.34
CA HIS A 601 14.79 -22.95 -5.51
C HIS A 601 13.67 -22.08 -6.03
N TYR A 602 12.49 -22.68 -6.23
CA TYR A 602 11.36 -22.01 -6.85
C TYR A 602 10.28 -21.75 -5.80
N ASN A 603 9.80 -20.50 -5.76
CA ASN A 603 8.76 -20.07 -4.84
C ASN A 603 7.50 -19.72 -5.62
N ASN A 604 6.42 -19.51 -4.87
CA ASN A 604 5.18 -18.97 -5.40
C ASN A 604 5.01 -17.48 -5.09
N ILE A 605 6.06 -16.85 -4.55
CA ILE A 605 6.02 -15.44 -4.19
C ILE A 605 7.25 -14.76 -4.76
N MET A 606 7.22 -13.43 -4.81
CA MET A 606 8.27 -12.64 -5.42
C MET A 606 9.25 -12.19 -4.35
N ALA A 607 10.53 -12.53 -4.53
CA ALA A 607 11.54 -12.31 -3.49
C ALA A 607 12.09 -10.89 -3.55
N LEU A 608 11.31 -9.95 -3.01
CA LEU A 608 11.75 -8.56 -2.96
C LEU A 608 12.78 -8.35 -1.86
N TYR A 609 12.58 -8.96 -0.69
CA TYR A 609 13.44 -8.78 0.46
C TYR A 609 14.23 -10.07 0.70
N LEU A 610 15.54 -9.92 0.92
CA LEU A 610 16.43 -11.07 1.02
C LEU A 610 17.54 -10.74 1.99
N LYS A 611 17.53 -11.39 3.16
CA LYS A 611 18.53 -11.20 4.20
C LYS A 611 19.12 -12.55 4.59
N THR A 612 20.39 -12.53 5.01
CA THR A 612 21.07 -13.77 5.38
C THR A 612 21.77 -13.60 6.71
N LYS A 613 21.93 -14.72 7.42
CA LYS A 613 22.71 -14.77 8.64
C LYS A 613 23.29 -16.18 8.75
N GLY A 614 24.55 -16.34 8.37
CA GLY A 614 25.17 -17.65 8.39
C GLY A 614 24.64 -18.57 7.31
N ASP A 615 23.86 -19.57 7.69
CA ASP A 615 23.28 -20.51 6.75
C ASP A 615 21.80 -20.26 6.50
N PHE A 616 21.21 -19.21 7.07
CA PHE A 616 19.79 -18.95 6.94
C PHE A 616 19.53 -17.83 5.96
N ILE A 617 18.48 -18.00 5.17
CA ILE A 617 18.04 -16.99 4.19
C ILE A 617 16.60 -16.63 4.52
N LEU A 618 16.33 -15.33 4.63
CA LEU A 618 15.00 -14.82 4.93
C LEU A 618 14.46 -14.16 3.66
N VAL A 619 13.32 -14.64 3.18
CA VAL A 619 12.71 -14.20 1.93
C VAL A 619 11.35 -13.59 2.25
N GLY A 620 11.09 -12.41 1.71
CA GLY A 620 9.81 -11.76 1.91
C GLY A 620 9.34 -10.98 0.71
N ASP A 621 8.06 -11.12 0.37
CA ASP A 621 7.46 -10.33 -0.70
C ASP A 621 6.78 -9.11 -0.14
N LEU A 622 6.12 -8.36 -1.02
CA LEU A 622 5.45 -7.13 -0.61
C LEU A 622 4.19 -7.40 0.20
N MET A 623 3.71 -8.65 0.21
CA MET A 623 2.47 -9.00 0.88
C MET A 623 2.70 -9.71 2.21
N ARG A 624 3.83 -9.43 2.87
CA ARG A 624 4.15 -9.88 4.22
C ARG A 624 4.34 -11.40 4.33
N SER A 625 4.35 -12.12 3.21
CA SER A 625 4.51 -13.57 3.24
C SER A 625 5.98 -13.89 3.49
N VAL A 626 6.31 -14.10 4.76
CA VAL A 626 7.68 -14.34 5.18
C VAL A 626 8.01 -15.82 5.05
N LEU A 627 9.15 -16.10 4.43
CA LEU A 627 9.59 -17.47 4.21
C LEU A 627 11.03 -17.60 4.72
N LEU A 628 11.31 -18.69 5.41
CA LEU A 628 12.63 -18.96 5.96
C LEU A 628 13.22 -20.19 5.29
N LEU A 629 14.40 -20.03 4.70
CA LEU A 629 15.10 -21.10 4.01
C LEU A 629 16.49 -21.28 4.62
N ALA A 630 17.03 -22.48 4.46
CA ALA A 630 18.37 -22.79 4.93
C ALA A 630 19.12 -23.51 3.83
N TYR A 631 20.40 -23.18 3.70
CA TYR A 631 21.27 -23.84 2.74
C TYR A 631 22.01 -24.97 3.43
N LYS A 632 21.81 -26.20 2.95
CA LYS A 632 22.51 -27.34 3.49
C LYS A 632 23.68 -27.67 2.58
N PRO A 633 24.92 -27.45 2.99
CA PRO A 633 26.05 -27.56 2.06
C PRO A 633 26.36 -28.98 1.61
N MET A 634 26.01 -30.00 2.40
CA MET A 634 26.33 -31.36 2.02
C MET A 634 25.60 -31.77 0.74
N GLU A 635 24.32 -31.42 0.62
CA GLU A 635 23.57 -31.76 -0.56
C GLU A 635 23.49 -30.62 -1.57
N GLY A 636 23.90 -29.42 -1.19
CA GLY A 636 23.89 -28.29 -2.10
C GLY A 636 22.51 -27.87 -2.56
N ASN A 637 21.55 -27.80 -1.65
CA ASN A 637 20.18 -27.47 -1.99
C ASN A 637 19.60 -26.57 -0.90
N PHE A 638 18.53 -25.86 -1.26
CA PHE A 638 17.80 -25.04 -0.29
C PHE A 638 16.64 -25.82 0.29
N GLU A 639 16.45 -25.69 1.60
CA GLU A 639 15.39 -26.38 2.31
C GLU A 639 14.53 -25.36 3.05
N GLU A 640 13.23 -25.62 3.11
CA GLU A 640 12.30 -24.72 3.78
C GLU A 640 12.17 -25.10 5.25
N ILE A 641 12.47 -24.16 6.14
CA ILE A 641 12.39 -24.41 7.57
C ILE A 641 11.03 -24.02 8.12
N ALA A 642 10.55 -22.82 7.81
CA ALA A 642 9.30 -22.31 8.36
C ALA A 642 8.76 -21.22 7.44
N ARG A 643 7.50 -20.86 7.66
CA ARG A 643 6.86 -19.80 6.88
C ARG A 643 5.69 -19.21 7.65
N ASP A 644 5.24 -18.04 7.22
CA ASP A 644 4.12 -17.37 7.86
C ASP A 644 3.49 -16.46 6.81
N PHE A 645 2.23 -16.71 6.47
CA PHE A 645 1.55 -15.99 5.40
C PHE A 645 0.38 -15.22 6.01
N ASN A 646 0.40 -13.90 5.87
CA ASN A 646 -0.65 -13.03 6.40
C ASN A 646 -0.70 -11.78 5.53
N PRO A 647 -1.75 -11.64 4.73
CA PRO A 647 -1.78 -10.54 3.75
C PRO A 647 -1.78 -9.16 4.38
N ASN A 648 -0.69 -8.43 4.14
CA ASN A 648 -0.53 -7.05 4.59
C ASN A 648 0.64 -6.45 3.85
N TRP A 649 0.63 -5.13 3.69
CA TRP A 649 1.71 -4.45 2.98
C TRP A 649 2.93 -4.34 3.88
N MET A 650 4.06 -4.86 3.41
CA MET A 650 5.29 -4.93 4.18
C MET A 650 6.36 -4.07 3.52
N SER A 651 7.06 -3.27 4.33
CA SER A 651 8.02 -2.31 3.80
C SER A 651 9.47 -2.74 3.96
N ALA A 652 9.81 -3.48 5.00
CA ALA A 652 11.19 -3.90 5.21
C ALA A 652 11.22 -5.06 6.18
N VAL A 653 12.31 -5.82 6.15
CA VAL A 653 12.58 -6.88 7.12
C VAL A 653 14.07 -6.90 7.44
N GLU A 654 14.38 -7.34 8.65
CA GLU A 654 15.75 -7.45 9.11
C GLU A 654 15.85 -8.64 10.06
N ILE A 655 16.95 -9.38 9.96
CA ILE A 655 17.18 -10.52 10.85
C ILE A 655 17.77 -10.01 12.15
N LEU A 656 17.04 -10.20 13.25
CA LEU A 656 17.47 -9.74 14.56
C LEU A 656 18.51 -10.68 15.16
N ASP A 657 18.18 -11.96 15.27
CA ASP A 657 19.16 -12.99 15.60
C ASP A 657 18.71 -14.28 14.91
N ASP A 658 19.26 -15.40 15.35
CA ASP A 658 18.99 -16.68 14.69
C ASP A 658 17.52 -17.10 14.80
N ASP A 659 16.80 -16.59 15.80
CA ASP A 659 15.41 -17.00 16.01
C ASP A 659 14.40 -15.88 15.81
N ASN A 660 14.81 -14.62 15.88
CA ASN A 660 13.90 -13.48 15.81
C ASN A 660 14.08 -12.74 14.49
N PHE A 661 12.95 -12.32 13.91
CA PHE A 661 12.93 -11.55 12.67
C PHE A 661 12.02 -10.35 12.85
N LEU A 662 12.45 -9.20 12.32
CA LEU A 662 11.76 -7.92 12.50
C LEU A 662 11.27 -7.40 11.15
N GLY A 663 10.14 -6.71 11.16
CA GLY A 663 9.57 -6.18 9.93
C GLY A 663 8.70 -4.97 10.17
N ALA A 664 8.37 -4.28 9.08
CA ALA A 664 7.54 -3.08 9.11
C ALA A 664 6.18 -3.41 8.49
N GLU A 665 5.12 -3.21 9.27
CA GLU A 665 3.78 -3.64 8.89
C GLU A 665 3.08 -2.56 8.08
N ASN A 666 1.79 -2.80 7.80
CA ASN A 666 0.95 -1.81 7.17
C ASN A 666 0.68 -0.67 8.14
N ALA A 667 0.11 0.42 7.61
CA ALA A 667 -0.03 1.68 8.33
C ALA A 667 1.37 2.07 8.77
N PHE A 668 1.65 2.24 10.06
CA PHE A 668 3.00 2.50 10.55
C PHE A 668 3.23 1.65 11.80
N ASN A 669 3.65 0.40 11.59
CA ASN A 669 3.75 -0.58 12.66
C ASN A 669 5.01 -1.41 12.50
N LEU A 670 5.43 -2.03 13.61
CA LEU A 670 6.57 -2.94 13.64
C LEU A 670 6.10 -4.27 14.20
N PHE A 671 6.64 -5.36 13.67
CA PHE A 671 6.32 -6.69 14.15
C PHE A 671 7.57 -7.56 14.23
N VAL A 672 7.54 -8.54 15.14
CA VAL A 672 8.63 -9.48 15.35
C VAL A 672 8.06 -10.90 15.38
N CYS A 673 8.73 -11.83 14.71
CA CYS A 673 8.28 -13.20 14.64
C CYS A 673 9.41 -14.13 15.04
N GLN A 674 9.04 -15.29 15.59
CA GLN A 674 9.98 -16.24 16.17
C GLN A 674 9.77 -17.63 15.59
N LYS A 675 10.80 -18.45 15.69
CA LYS A 675 10.73 -19.83 15.19
C LYS A 675 11.06 -20.82 16.32
N ASP A 676 10.60 -22.06 16.13
CA ASP A 676 10.85 -23.16 17.05
C ASP A 676 10.39 -22.84 18.48
N SER A 677 9.26 -22.14 18.59
CA SER A 677 8.72 -21.84 19.90
C SER A 677 8.20 -23.10 20.56
N ALA A 678 8.19 -23.09 21.89
CA ALA A 678 7.71 -24.24 22.66
C ALA A 678 6.21 -24.41 22.49
N THR A 681 5.83 -31.53 17.27
CA THR A 681 5.27 -31.78 15.96
C THR A 681 5.95 -30.93 14.90
N ASP A 682 5.91 -31.38 13.65
CA ASP A 682 6.50 -30.60 12.56
C ASP A 682 5.63 -29.43 12.16
N GLU A 683 4.35 -29.45 12.56
CA GLU A 683 3.46 -28.34 12.25
C GLU A 683 3.88 -27.08 13.01
N GLU A 684 4.11 -27.19 14.32
CA GLU A 684 4.53 -26.05 15.10
C GLU A 684 5.93 -25.58 14.71
N ARG A 685 6.78 -26.49 14.24
CA ARG A 685 8.11 -26.11 13.82
C ARG A 685 8.08 -25.28 12.55
N GLN A 686 7.14 -25.57 11.65
CA GLN A 686 7.02 -24.86 10.38
C GLN A 686 6.19 -23.59 10.47
N HIS A 687 5.83 -23.16 11.68
CA HIS A 687 5.04 -21.95 11.89
C HIS A 687 5.92 -20.88 12.52
N LEU A 688 5.88 -19.67 11.94
CA LEU A 688 6.60 -18.53 12.49
C LEU A 688 5.62 -17.77 13.38
N GLN A 689 5.73 -18.00 14.69
CA GLN A 689 4.79 -17.41 15.63
C GLN A 689 5.09 -15.93 15.81
N GLU A 690 4.05 -15.11 15.74
CA GLU A 690 4.19 -13.69 16.05
C GLU A 690 4.44 -13.47 17.54
N VAL A 691 5.27 -12.48 17.85
CA VAL A 691 5.59 -12.18 19.24
C VAL A 691 5.35 -10.71 19.60
N GLY A 692 5.46 -9.80 18.63
CA GLY A 692 5.48 -8.38 18.94
C GLY A 692 4.78 -7.53 17.90
N LEU A 693 4.00 -6.57 18.40
CA LEU A 693 3.40 -5.46 17.66
C LEU A 693 3.66 -4.16 18.39
N PHE A 694 3.73 -3.07 17.62
CA PHE A 694 4.02 -1.74 18.16
C PHE A 694 3.74 -0.73 17.06
N HIS A 695 3.05 0.35 17.42
CA HIS A 695 2.72 1.41 16.47
C HIS A 695 3.77 2.51 16.55
N LEU A 696 4.49 2.73 15.46
CA LEU A 696 5.62 3.64 15.43
C LEU A 696 5.24 5.03 14.91
N GLY A 697 4.31 5.09 13.96
CA GLY A 697 3.97 6.34 13.32
C GLY A 697 4.82 6.71 12.14
N GLU A 698 5.79 5.87 11.77
CA GLU A 698 6.75 6.17 10.72
C GLU A 698 6.75 5.04 9.70
N PHE A 699 7.04 5.40 8.44
CA PHE A 699 7.16 4.43 7.37
C PHE A 699 8.63 4.10 7.15
N VAL A 700 9.02 2.87 7.50
CA VAL A 700 10.41 2.45 7.53
C VAL A 700 10.78 1.84 6.19
N ASN A 701 11.89 2.30 5.60
CA ASN A 701 12.33 1.83 4.30
C ASN A 701 13.50 0.85 4.37
N VAL A 702 14.42 1.05 5.32
CA VAL A 702 15.66 0.29 5.34
C VAL A 702 16.06 0.02 6.77
N PHE A 703 16.62 -1.18 7.00
CA PHE A 703 17.21 -1.57 8.27
C PHE A 703 18.70 -1.82 8.07
N CYS A 704 19.51 -1.40 9.03
CA CYS A 704 20.95 -1.63 8.99
C CYS A 704 21.45 -2.02 10.38
N HIS A 705 22.60 -2.70 10.40
CA HIS A 705 23.22 -3.15 11.65
C HIS A 705 24.35 -2.19 12.00
N GLY A 706 24.09 -1.29 12.93
CA GLY A 706 25.12 -0.38 13.42
C GLY A 706 25.11 -0.27 14.93
N SER A 707 26.20 -0.71 15.57
CA SER A 707 26.25 -0.77 17.03
C SER A 707 27.24 0.22 17.62
N LEU A 708 28.53 0.12 17.27
CA LEU A 708 29.50 1.10 17.74
C LEU A 708 29.38 2.42 16.98
N VAL A 709 28.31 2.59 16.20
CA VAL A 709 28.08 3.85 15.48
C VAL A 709 27.99 5.01 16.46
N MET A 710 27.48 4.74 17.66
CA MET A 710 27.48 5.67 18.77
C MET A 710 28.45 5.23 19.87
N GLN A 711 29.07 4.07 19.71
CA GLN A 711 29.94 3.42 20.70
C GLN A 711 29.13 2.80 21.83
N PRO A 719 22.26 -2.69 29.28
CA PRO A 719 21.95 -4.13 29.32
C PRO A 719 21.23 -4.59 28.05
N THR A 720 21.73 -4.16 26.89
CA THR A 720 21.09 -4.42 25.62
C THR A 720 22.02 -5.26 24.73
N GLN A 721 21.40 -6.01 23.82
CA GLN A 721 22.11 -6.89 22.91
C GLN A 721 21.75 -6.51 21.48
N GLY A 722 22.77 -6.36 20.63
CA GLY A 722 22.53 -6.00 19.25
C GLY A 722 22.22 -4.53 19.08
N SER A 723 22.11 -4.11 17.83
CA SER A 723 21.75 -2.73 17.52
C SER A 723 21.32 -2.67 16.05
N VAL A 724 20.09 -2.23 15.81
CA VAL A 724 19.53 -2.12 14.46
C VAL A 724 19.00 -0.71 14.28
N LEU A 725 19.40 -0.04 13.21
CA LEU A 725 18.99 1.32 12.90
C LEU A 725 18.11 1.32 11.66
N PHE A 726 17.03 2.10 11.69
CA PHE A 726 16.13 2.18 10.56
C PHE A 726 15.94 3.62 10.11
N GLY A 727 15.59 3.77 8.83
CA GLY A 727 15.37 5.07 8.22
C GLY A 727 13.98 5.21 7.65
N THR A 728 13.31 6.31 7.96
CA THR A 728 11.92 6.50 7.61
C THR A 728 11.76 7.59 6.56
N VAL A 729 10.53 7.70 6.04
CA VAL A 729 10.22 8.69 5.00
C VAL A 729 10.31 10.10 5.56
N ASN A 730 9.92 10.29 6.82
CA ASN A 730 9.91 11.61 7.44
C ASN A 730 11.27 12.05 7.96
N GLY A 731 12.34 11.40 7.52
CA GLY A 731 13.67 11.73 8.02
C GLY A 731 13.88 11.38 9.48
N MET A 732 13.41 10.22 9.90
CA MET A 732 13.55 9.77 11.27
C MET A 732 14.49 8.57 11.33
N ILE A 733 15.44 8.62 12.27
CA ILE A 733 16.35 7.51 12.53
C ILE A 733 16.04 6.96 13.91
N GLY A 734 15.88 5.64 13.99
CA GLY A 734 15.57 5.00 15.25
C GLY A 734 16.43 3.78 15.47
N LEU A 735 16.45 3.33 16.72
CA LEU A 735 17.31 2.25 17.16
C LEU A 735 16.50 1.17 17.86
N VAL A 736 16.81 -0.09 17.56
CA VAL A 736 16.16 -1.24 18.16
C VAL A 736 17.22 -2.11 18.81
N THR A 737 17.04 -2.43 20.09
CA THR A 737 17.95 -3.30 20.81
C THR A 737 17.13 -4.33 21.58
N SER A 738 17.74 -5.47 21.85
CA SER A 738 17.06 -6.59 22.49
C SER A 738 17.35 -6.63 23.98
N LEU A 739 16.37 -7.08 24.75
CA LEU A 739 16.42 -7.08 26.20
C LEU A 739 16.18 -8.48 26.74
N SER A 740 16.22 -8.59 28.06
CA SER A 740 16.02 -9.86 28.74
C SER A 740 14.69 -9.87 29.50
N GLU A 741 14.48 -10.95 30.25
CA GLU A 741 13.27 -11.10 31.07
C GLU A 741 13.11 -9.94 32.05
N SER A 742 14.04 -9.83 33.00
CA SER A 742 13.87 -8.93 34.13
C SER A 742 13.82 -7.48 33.66
N TRP A 743 14.69 -7.11 32.72
CA TRP A 743 14.72 -5.73 32.26
C TRP A 743 13.43 -5.36 31.54
N TYR A 744 12.92 -6.25 30.69
CA TYR A 744 11.67 -5.96 30.00
C TYR A 744 10.51 -5.83 30.98
N ASN A 745 10.44 -6.72 31.97
CA ASN A 745 9.36 -6.63 32.95
C ASN A 745 9.45 -5.33 33.75
N LEU A 746 10.66 -4.98 34.20
CA LEU A 746 10.85 -3.76 34.98
C LEU A 746 10.49 -2.52 34.16
N LEU A 747 10.92 -2.48 32.89
CA LEU A 747 10.63 -1.33 32.06
C LEU A 747 9.15 -1.22 31.74
N LEU A 748 8.46 -2.34 31.53
CA LEU A 748 7.02 -2.28 31.30
C LEU A 748 6.29 -1.77 32.53
N ASP A 749 6.69 -2.23 33.72
CA ASP A 749 6.07 -1.73 34.95
C ASP A 749 6.33 -0.23 35.11
N MET A 750 7.55 0.22 34.80
CA MET A 750 7.86 1.64 34.89
C MET A 750 7.04 2.45 33.90
N GLN A 751 6.83 1.92 32.69
CA GLN A 751 6.00 2.62 31.71
C GLN A 751 4.57 2.77 32.20
N ASN A 752 4.02 1.70 32.77
CA ASN A 752 2.68 1.77 33.34
C ASN A 752 2.59 2.80 34.45
N ARG A 753 3.62 2.88 35.31
CA ARG A 753 3.61 3.89 36.37
C ARG A 753 3.78 5.30 35.81
N LEU A 754 4.57 5.45 34.75
CA LEU A 754 4.82 6.77 34.19
C LEU A 754 3.60 7.33 33.48
N ASN A 755 2.79 6.45 32.88
CA ASN A 755 1.60 6.92 32.19
C ASN A 755 0.65 7.66 33.12
N LYS A 756 0.67 7.33 34.42
CA LYS A 756 -0.22 7.96 35.38
C LYS A 756 0.26 9.33 35.84
N VAL A 757 1.49 9.72 35.49
CA VAL A 757 2.10 10.91 36.06
C VAL A 757 2.35 11.95 34.97
N ILE A 758 2.61 11.49 33.75
CA ILE A 758 2.94 12.37 32.64
C ILE A 758 1.64 12.90 32.04
N LYS A 759 1.53 14.22 31.92
CA LYS A 759 0.35 14.87 31.36
C LYS A 759 0.55 15.03 29.86
N SER A 760 -0.29 14.36 29.07
CA SER A 760 -0.16 14.39 27.62
C SER A 760 -0.85 15.62 27.04
N VAL A 761 -0.37 16.06 25.88
CA VAL A 761 -0.99 17.18 25.19
C VAL A 761 -2.20 16.66 24.41
N GLY A 762 -3.38 17.18 24.72
CA GLY A 762 -4.59 16.66 24.16
C GLY A 762 -5.18 15.48 24.89
N LYS A 763 -4.57 15.07 26.00
CA LYS A 763 -5.04 13.97 26.84
C LYS A 763 -5.19 12.67 26.05
N ILE A 764 -4.28 12.43 25.10
CA ILE A 764 -4.28 11.16 24.38
C ILE A 764 -3.59 10.11 25.23
N GLU A 765 -4.17 8.91 25.26
CA GLU A 765 -3.61 7.81 26.03
C GLU A 765 -2.43 7.20 25.28
N HIS A 766 -1.35 6.93 26.01
CA HIS A 766 -0.16 6.35 25.40
C HIS A 766 -0.42 4.94 24.89
N SER A 767 -1.19 4.15 25.64
CA SER A 767 -1.49 2.79 25.23
C SER A 767 -2.27 2.77 23.92
N PHE A 768 -3.26 3.64 23.79
CA PHE A 768 -4.02 3.73 22.54
C PHE A 768 -3.14 4.17 21.38
N TRP A 769 -2.22 5.11 21.65
CA TRP A 769 -1.33 5.61 20.61
C TRP A 769 -0.40 4.51 20.11
N ARG A 770 0.16 3.72 21.03
CA ARG A 770 1.11 2.69 20.63
C ARG A 770 0.41 1.39 20.22
N SER A 771 -0.91 1.36 20.26
CA SER A 771 -1.63 0.16 19.86
C SER A 771 -1.46 -0.12 18.37
N PHE A 772 -1.18 -1.37 18.03
CA PHE A 772 -1.06 -1.80 16.65
C PHE A 772 -2.34 -1.47 15.88
N HIS A 773 -2.21 -0.73 14.79
CA HIS A 773 -3.38 -0.18 14.11
C HIS A 773 -3.29 -0.40 12.61
N THR A 774 -4.13 -1.31 12.11
CA THR A 774 -4.52 -1.34 10.70
C THR A 774 -6.04 -1.32 10.70
N GLU A 775 -6.67 -1.47 9.54
CA GLU A 775 -8.11 -1.71 9.55
C GLU A 775 -8.42 -3.15 9.93
N ARG A 776 -9.69 -3.39 10.20
CA ARG A 776 -10.25 -4.69 10.57
C ARG A 776 -9.87 -5.10 11.99
N LYS A 777 -8.95 -4.37 12.63
CA LYS A 777 -8.51 -4.73 13.97
C LYS A 777 -7.58 -3.66 14.53
N THR A 778 -7.60 -3.55 15.85
CA THR A 778 -6.61 -2.81 16.62
C THR A 778 -6.21 -3.70 17.79
N GLU A 779 -4.93 -3.67 18.14
CA GLU A 779 -4.45 -4.59 19.16
C GLU A 779 -3.50 -3.88 20.13
N PRO A 780 -3.47 -4.30 21.40
CA PRO A 780 -2.48 -3.75 22.32
C PRO A 780 -1.07 -4.15 21.92
N ALA A 781 -0.12 -3.28 22.28
CA ALA A 781 1.28 -3.52 21.96
C ALA A 781 1.89 -4.57 22.89
N THR A 782 2.66 -5.48 22.31
CA THR A 782 3.30 -6.55 23.07
C THR A 782 4.76 -6.65 22.68
N GLY A 783 5.63 -6.81 23.69
CA GLY A 783 7.02 -7.09 23.47
C GLY A 783 7.90 -5.92 23.09
N PHE A 784 7.34 -4.71 23.03
CA PHE A 784 8.10 -3.53 22.65
C PHE A 784 8.07 -2.51 23.78
N ILE A 785 9.23 -1.97 24.11
CA ILE A 785 9.36 -0.92 25.11
C ILE A 785 9.65 0.39 24.39
N ASP A 786 8.81 1.38 24.61
CA ASP A 786 8.98 2.71 24.04
C ASP A 786 10.03 3.45 24.85
N GLY A 787 11.18 3.70 24.23
CA GLY A 787 12.28 4.32 24.96
C GLY A 787 12.06 5.80 25.22
N ASP A 788 11.20 6.44 24.43
CA ASP A 788 10.94 7.87 24.62
C ASP A 788 10.27 8.16 25.95
N LEU A 789 9.26 7.36 26.32
CA LEU A 789 8.60 7.57 27.60
C LEU A 789 9.53 7.26 28.76
N ILE A 790 10.43 6.30 28.59
CA ILE A 790 11.40 5.98 29.63
C ILE A 790 12.41 7.10 29.78
N GLU A 791 12.82 7.72 28.67
CA GLU A 791 13.79 8.81 28.73
C GLU A 791 13.16 10.10 29.22
N SER A 792 11.83 10.24 29.10
CA SER A 792 11.15 11.37 29.69
C SER A 792 11.18 11.33 31.22
N PHE A 793 11.57 10.19 31.80
CA PHE A 793 11.64 10.08 33.26
C PHE A 793 12.67 11.03 33.84
N LEU A 794 13.72 11.34 33.08
CA LEU A 794 14.77 12.24 33.58
C LEU A 794 14.33 13.70 33.57
N ASP A 795 13.21 14.03 32.93
CA ASP A 795 12.78 15.41 32.80
C ASP A 795 11.89 15.87 33.94
N ILE A 796 11.13 14.96 34.57
CA ILE A 796 10.12 15.36 35.54
C ILE A 796 10.78 15.74 36.86
N SER A 797 10.01 16.39 37.73
CA SER A 797 10.53 16.90 38.99
C SER A 797 10.74 15.76 39.99
N ARG A 798 11.53 16.07 41.02
CA ARG A 798 11.84 15.08 42.06
C ARG A 798 10.62 14.55 42.79
N PRO A 799 9.68 15.38 43.27
CA PRO A 799 8.50 14.81 43.95
C PRO A 799 7.68 13.89 43.06
N LYS A 800 7.57 14.18 41.77
CA LYS A 800 6.86 13.30 40.87
C LYS A 800 7.64 12.01 40.63
N MET A 801 8.97 12.11 40.58
CA MET A 801 9.79 10.91 40.43
C MET A 801 9.62 9.98 41.62
N GLN A 802 9.55 10.55 42.83
CA GLN A 802 9.32 9.73 44.02
C GLN A 802 8.00 8.98 43.92
N GLU A 803 6.95 9.65 43.44
CA GLU A 803 5.65 8.99 43.36
C GLU A 803 5.61 7.96 42.24
N VAL A 804 6.38 8.18 41.16
CA VAL A 804 6.51 7.16 40.13
C VAL A 804 7.19 5.92 40.69
N VAL A 805 8.27 6.11 41.46
CA VAL A 805 9.08 5.00 41.93
C VAL A 805 8.50 4.32 43.17
N ALA A 806 7.62 5.01 43.89
CA ALA A 806 7.16 4.52 45.19
C ALA A 806 6.51 3.15 45.07
N ASN A 807 6.88 2.26 46.00
CA ASN A 807 6.38 0.89 46.10
C ASN A 807 6.77 0.00 44.93
N LEU A 808 7.81 0.36 44.19
CA LEU A 808 8.33 -0.51 43.14
C LEU A 808 9.38 -1.44 43.74
N GLN A 809 9.22 -2.74 43.53
CA GLN A 809 10.13 -3.73 44.11
C GLN A 809 11.26 -3.95 43.12
N TYR A 810 12.43 -3.40 43.44
CA TYR A 810 13.54 -3.33 42.49
C TYR A 810 14.28 -4.66 42.43
N ASP A 811 14.31 -5.26 41.24
CA ASP A 811 15.04 -6.51 41.01
C ASP A 811 16.52 -6.21 40.74
N ASP A 812 17.23 -5.88 41.81
CA ASP A 812 18.64 -5.57 41.70
C ASP A 812 19.42 -6.78 41.21
N GLY A 813 20.40 -6.53 40.34
CA GLY A 813 21.21 -7.60 39.81
C GLY A 813 22.09 -8.26 40.86
N SER A 814 22.27 -7.59 41.99
CA SER A 814 23.06 -8.16 43.08
C SER A 814 22.43 -9.41 43.65
N GLY A 815 21.10 -9.50 43.63
CA GLY A 815 20.42 -10.74 43.98
C GLY A 815 19.37 -10.67 45.05
N MET A 816 19.19 -9.53 45.71
CA MET A 816 18.15 -9.37 46.71
C MET A 816 17.23 -8.24 46.27
N LYS A 817 15.92 -8.48 46.36
CA LYS A 817 14.94 -7.52 45.86
C LYS A 817 14.53 -6.56 46.97
N ARG A 818 14.56 -5.27 46.66
CA ARG A 818 14.43 -4.25 47.70
C ARG A 818 13.65 -3.07 47.16
N GLU A 819 13.25 -2.19 48.08
CA GLU A 819 12.52 -0.98 47.71
C GLU A 819 13.37 -0.10 46.80
N ALA A 820 12.76 0.34 45.70
CA ALA A 820 13.49 1.14 44.72
C ALA A 820 13.60 2.59 45.20
N THR A 821 14.81 3.13 45.15
CA THR A 821 15.02 4.55 45.37
C THR A 821 15.08 5.26 44.02
N ALA A 822 14.82 6.57 44.04
CA ALA A 822 14.82 7.34 42.80
C ALA A 822 16.17 7.28 42.10
N ASP A 823 17.26 7.33 42.86
CA ASP A 823 18.59 7.37 42.26
C ASP A 823 18.92 6.12 41.48
N ASP A 824 18.45 4.96 41.97
CA ASP A 824 18.71 3.71 41.25
C ASP A 824 18.07 3.71 39.87
N LEU A 825 16.81 4.16 39.80
CA LEU A 825 16.14 4.26 38.52
C LEU A 825 16.78 5.33 37.65
N ILE A 826 17.25 6.42 38.25
CA ILE A 826 18.00 7.43 37.48
C ILE A 826 19.21 6.79 36.83
N LYS A 827 19.95 5.98 37.57
CA LYS A 827 21.13 5.33 37.03
C LYS A 827 20.77 4.39 35.88
N VAL A 828 19.71 3.60 36.06
CA VAL A 828 19.28 2.68 35.01
C VAL A 828 18.90 3.45 33.74
N VAL A 829 18.12 4.53 33.91
CA VAL A 829 17.65 5.28 32.75
C VAL A 829 18.80 5.98 32.05
N GLU A 830 19.76 6.51 32.81
CA GLU A 830 20.92 7.15 32.20
C GLU A 830 21.76 6.12 31.43
N GLU A 831 21.96 4.94 32.01
CA GLU A 831 22.67 3.89 31.28
C GLU A 831 21.92 3.50 30.01
N LEU A 832 20.59 3.58 30.04
CA LEU A 832 19.82 3.33 28.82
C LEU A 832 20.00 4.46 27.80
N THR A 833 20.02 5.71 28.24
CA THR A 833 20.25 6.81 27.31
C THR A 833 21.65 6.79 26.72
N ARG A 834 22.57 6.08 27.36
CA ARG A 834 23.92 5.96 26.81
C ARG A 834 24.02 5.00 25.64
N ILE A 835 22.91 4.57 25.03
CA ILE A 835 23.02 3.73 23.83
C ILE A 835 22.72 4.48 22.55
N HIS A 836 22.46 5.79 22.63
CA HIS A 836 22.13 6.58 21.46
C HIS A 836 22.75 7.97 21.59
N TRP A 837 22.67 8.74 20.51
CA TRP A 837 23.44 9.96 20.39
C TRP A 837 22.91 11.06 21.32
N SER A 838 23.67 12.15 21.40
CA SER A 838 23.21 13.35 22.07
C SER A 838 22.30 14.14 21.15
N HIS A 839 21.71 15.22 21.67
CA HIS A 839 20.80 16.00 20.86
C HIS A 839 21.18 17.47 20.83
N PRO A 840 20.94 18.16 19.71
CA PRO A 840 21.21 19.60 19.67
C PRO A 840 20.13 20.39 20.39
N GLN A 841 20.43 21.66 20.64
CA GLN A 841 19.51 22.53 21.36
C GLN A 841 18.52 23.16 20.38
N PHE A 842 17.24 23.15 20.76
CA PHE A 842 16.20 23.75 19.92
C PHE A 842 15.91 25.19 20.31
N GLU A 843 15.53 25.39 21.56
CA GLU A 843 15.07 26.71 22.01
C GLU A 843 16.23 27.69 22.08
N LYS A 844 15.88 28.98 22.03
CA LYS A 844 16.86 30.06 22.11
C LYS A 844 16.48 31.06 23.19
N ILE B 53 -21.75 -16.26 -31.38
CA ILE B 53 -22.99 -16.94 -31.05
C ILE B 53 -24.17 -16.16 -31.58
N ILE B 54 -24.87 -16.74 -32.56
CA ILE B 54 -26.01 -16.12 -33.20
C ILE B 54 -27.20 -17.07 -33.13
N ASN B 55 -28.38 -16.50 -32.92
CA ASN B 55 -29.65 -17.26 -32.85
C ASN B 55 -29.66 -18.23 -31.67
N PHE B 56 -28.84 -17.97 -30.66
CA PHE B 56 -28.85 -18.75 -29.43
C PHE B 56 -28.81 -17.80 -28.25
N ASP B 57 -29.55 -18.14 -27.21
CA ASP B 57 -29.62 -17.34 -25.99
C ASP B 57 -28.75 -18.00 -24.93
N THR B 58 -27.76 -17.27 -24.43
CA THR B 58 -26.85 -17.78 -23.42
C THR B 58 -27.51 -17.93 -22.06
N SER B 59 -28.71 -17.38 -21.86
CA SER B 59 -29.39 -17.48 -20.58
C SER B 59 -30.07 -18.83 -20.39
N LEU B 60 -30.27 -19.59 -21.45
CA LEU B 60 -30.87 -20.92 -21.30
C LEU B 60 -30.04 -21.89 -20.48
N PRO B 61 -28.74 -22.08 -20.74
CA PRO B 61 -27.99 -23.07 -19.95
C PRO B 61 -27.93 -22.77 -18.46
N THR B 62 -27.83 -21.49 -18.08
CA THR B 62 -27.59 -21.16 -16.69
C THR B 62 -28.83 -21.31 -15.81
N SER B 63 -30.02 -21.28 -16.39
CA SER B 63 -31.24 -21.42 -15.61
C SER B 63 -31.57 -22.88 -15.28
N HIS B 64 -30.86 -23.84 -15.88
CA HIS B 64 -31.05 -25.25 -15.61
C HIS B 64 -32.51 -25.67 -15.84
N THR B 65 -32.94 -25.54 -17.10
CA THR B 65 -34.33 -25.90 -17.43
C THR B 65 -34.53 -27.41 -17.39
N TYR B 66 -33.45 -28.18 -17.47
CA TYR B 66 -33.58 -29.64 -17.40
C TYR B 66 -34.08 -30.08 -16.04
N LEU B 67 -33.58 -29.46 -14.96
CA LEU B 67 -34.05 -29.79 -13.62
C LEU B 67 -35.50 -29.40 -13.44
N GLY B 68 -35.91 -28.31 -14.07
CA GLY B 68 -37.24 -27.75 -13.92
C GLY B 68 -37.19 -26.32 -13.40
N ALA B 69 -38.00 -25.47 -14.02
CA ALA B 69 -38.08 -24.06 -13.66
C ALA B 69 -39.18 -23.78 -12.66
N ASP B 70 -39.88 -24.82 -12.19
CA ASP B 70 -40.99 -24.62 -11.26
C ASP B 70 -40.53 -24.70 -9.80
N MET B 71 -39.22 -24.68 -9.57
CA MET B 71 -38.69 -24.75 -8.21
C MET B 71 -39.17 -23.57 -7.39
N GLU B 72 -39.62 -23.85 -6.16
CA GLU B 72 -39.88 -22.77 -5.22
C GLU B 72 -38.57 -22.16 -4.77
N GLU B 73 -38.48 -20.84 -4.84
CA GLU B 73 -37.23 -20.11 -4.68
C GLU B 73 -37.22 -19.40 -3.32
N PHE B 74 -36.11 -19.57 -2.61
CA PHE B 74 -35.95 -19.03 -1.27
C PHE B 74 -35.01 -17.83 -1.30
N HIS B 75 -35.45 -16.74 -0.66
CA HIS B 75 -34.70 -15.50 -0.66
C HIS B 75 -34.51 -15.07 0.79
N GLY B 76 -33.44 -14.33 1.04
CA GLY B 76 -33.06 -13.95 2.38
C GLY B 76 -31.69 -14.51 2.74
N ARG B 77 -30.70 -13.62 2.83
CA ARG B 77 -29.33 -14.05 2.91
C ARG B 77 -28.90 -14.27 4.35
N THR B 78 -28.25 -15.40 4.60
CA THR B 78 -27.61 -15.68 5.88
C THR B 78 -26.10 -15.73 5.69
N LEU B 79 -25.37 -15.23 6.68
CA LEU B 79 -23.92 -15.11 6.57
C LEU B 79 -23.33 -15.09 7.98
N HIS B 80 -22.57 -16.13 8.32
CA HIS B 80 -21.92 -16.18 9.62
C HIS B 80 -20.87 -15.08 9.73
N ASP B 81 -20.76 -14.50 10.92
CA ASP B 81 -19.77 -13.46 11.12
C ASP B 81 -18.35 -14.02 11.05
N ASP B 82 -17.39 -13.15 10.76
CA ASP B 82 -16.05 -13.59 10.42
C ASP B 82 -15.34 -14.21 11.62
N ASP B 83 -14.57 -15.27 11.35
CA ASP B 83 -13.65 -15.93 12.26
C ASP B 83 -14.33 -16.65 13.42
N SER B 84 -15.65 -16.85 13.38
CA SER B 84 -16.31 -17.59 14.43
C SER B 84 -16.30 -19.09 14.11
N CYS B 85 -16.78 -19.88 15.06
CA CYS B 85 -16.83 -21.34 14.93
C CYS B 85 -18.29 -21.78 14.77
N GLN B 86 -18.54 -22.63 13.77
CA GLN B 86 -19.87 -23.08 13.44
C GLN B 86 -19.86 -24.58 13.20
N VAL B 87 -21.05 -25.18 13.27
CA VAL B 87 -21.25 -26.59 12.97
C VAL B 87 -22.16 -26.68 11.76
N ILE B 88 -21.69 -27.32 10.70
CA ILE B 88 -22.41 -27.35 9.43
C ILE B 88 -22.45 -28.77 8.88
N PRO B 89 -23.59 -29.24 8.39
CA PRO B 89 -23.64 -30.59 7.81
C PRO B 89 -22.95 -30.64 6.45
N VAL B 90 -22.54 -31.85 6.07
CA VAL B 90 -21.82 -32.10 4.83
C VAL B 90 -22.51 -33.25 4.09
N LEU B 91 -22.78 -33.05 2.80
CA LEU B 91 -23.36 -34.11 1.99
C LEU B 91 -22.31 -35.16 1.65
N PRO B 92 -22.64 -36.45 1.75
CA PRO B 92 -21.62 -37.49 1.68
C PRO B 92 -21.19 -37.86 0.26
N GLN B 93 -22.07 -37.69 -0.72
CA GLN B 93 -21.81 -38.14 -2.08
C GLN B 93 -21.48 -36.98 -3.02
N VAL B 94 -20.80 -35.97 -2.48
CA VAL B 94 -20.44 -34.76 -3.29
C VAL B 94 -18.95 -34.47 -3.08
N MET B 95 -18.08 -35.02 -3.93
CA MET B 95 -16.62 -34.84 -3.77
C MET B 95 -16.10 -33.89 -4.86
N MET B 96 -16.22 -32.58 -4.63
CA MET B 96 -15.77 -31.59 -5.65
C MET B 96 -15.24 -30.33 -4.95
N ILE B 97 -14.42 -29.54 -5.65
CA ILE B 97 -13.91 -28.26 -5.07
C ILE B 97 -14.97 -27.18 -5.32
N LEU B 98 -15.75 -26.87 -4.28
CA LEU B 98 -16.83 -25.86 -4.44
C LEU B 98 -16.20 -24.46 -4.48
N ILE B 99 -16.42 -23.73 -5.57
CA ILE B 99 -15.92 -22.31 -5.64
C ILE B 99 -17.12 -21.40 -5.39
N PRO B 100 -17.03 -20.39 -4.50
CA PRO B 100 -18.15 -19.41 -4.29
C PRO B 100 -18.59 -18.83 -5.63
N GLY B 101 -17.70 -18.77 -6.62
CA GLY B 101 -18.03 -18.18 -7.93
C GLY B 101 -18.76 -19.12 -8.86
N GLN B 102 -19.20 -20.28 -8.37
CA GLN B 102 -20.02 -21.19 -9.24
C GLN B 102 -21.23 -21.73 -8.45
N THR B 103 -22.20 -22.30 -9.16
CA THR B 103 -23.42 -22.83 -8.50
C THR B 103 -23.28 -24.33 -8.32
N LEU B 104 -24.32 -24.98 -7.80
CA LEU B 104 -24.25 -26.44 -7.53
C LEU B 104 -25.64 -27.08 -7.62
N PRO B 105 -26.12 -27.50 -8.81
CA PRO B 105 -27.41 -28.24 -8.93
C PRO B 105 -27.22 -29.65 -8.37
N LEU B 106 -28.21 -30.20 -7.67
CA LEU B 106 -28.03 -31.52 -7.01
C LEU B 106 -29.32 -32.36 -7.06
N GLN B 107 -29.20 -33.67 -7.31
CA GLN B 107 -30.35 -34.56 -7.28
C GLN B 107 -29.99 -35.74 -6.39
N LEU B 108 -30.81 -36.01 -5.38
CA LEU B 108 -30.47 -36.95 -4.33
C LEU B 108 -31.46 -38.11 -4.32
N PHE B 109 -30.96 -39.31 -4.11
CA PHE B 109 -31.77 -40.53 -4.12
C PHE B 109 -31.98 -41.13 -2.74
N HIS B 110 -30.93 -41.28 -1.95
CA HIS B 110 -31.01 -42.04 -0.71
C HIS B 110 -31.79 -41.28 0.36
N PRO B 111 -32.53 -41.99 1.22
CA PRO B 111 -33.44 -41.30 2.16
C PRO B 111 -32.76 -40.39 3.17
N GLN B 112 -31.55 -40.72 3.61
CA GLN B 112 -30.92 -39.92 4.66
C GLN B 112 -30.70 -38.48 4.19
N GLU B 113 -30.21 -38.30 2.97
CA GLU B 113 -29.95 -36.94 2.50
C GLU B 113 -31.25 -36.21 2.20
N VAL B 114 -32.29 -36.93 1.78
CA VAL B 114 -33.55 -36.24 1.51
C VAL B 114 -34.17 -35.73 2.82
N SER B 115 -34.08 -36.52 3.89
CA SER B 115 -34.54 -36.04 5.19
C SER B 115 -33.65 -34.91 5.70
N MET B 116 -32.34 -35.01 5.45
CA MET B 116 -31.42 -33.96 5.86
C MET B 116 -31.75 -32.65 5.18
N VAL B 117 -32.02 -32.67 3.88
CA VAL B 117 -32.41 -31.44 3.18
C VAL B 117 -33.76 -30.95 3.66
N ARG B 118 -34.69 -31.89 3.92
CA ARG B 118 -36.03 -31.52 4.36
C ARG B 118 -35.99 -30.73 5.65
N ASN B 119 -35.23 -31.19 6.64
CA ASN B 119 -35.15 -30.41 7.88
C ASN B 119 -34.08 -29.32 7.82
N LEU B 120 -33.21 -29.36 6.81
CA LEU B 120 -32.22 -28.30 6.63
C LEU B 120 -32.84 -27.04 6.04
N ILE B 121 -33.95 -27.21 5.32
CA ILE B 121 -34.69 -26.04 4.80
C ILE B 121 -35.00 -25.07 5.93
N GLN B 122 -35.30 -25.59 7.12
CA GLN B 122 -35.54 -24.73 8.27
C GLN B 122 -34.24 -24.15 8.82
N LYS B 123 -33.19 -24.96 8.92
CA LYS B 123 -31.94 -24.53 9.56
C LYS B 123 -31.04 -23.71 8.65
N ASP B 124 -31.51 -22.56 8.17
CA ASP B 124 -30.75 -21.63 7.34
C ASP B 124 -30.29 -22.26 6.02
N ARG B 125 -30.74 -23.48 5.72
CA ARG B 125 -30.45 -24.20 4.48
C ARG B 125 -29.01 -24.01 4.00
N THR B 126 -28.08 -24.13 4.94
CA THR B 126 -26.66 -23.98 4.65
C THR B 126 -25.95 -25.30 4.92
N PHE B 127 -25.20 -25.79 3.93
CA PHE B 127 -24.40 -26.99 4.09
C PHE B 127 -23.00 -26.73 3.55
N ALA B 128 -22.08 -27.64 3.84
CA ALA B 128 -20.67 -27.47 3.53
C ALA B 128 -20.22 -28.51 2.52
N VAL B 129 -19.38 -28.09 1.58
CA VAL B 129 -18.79 -28.98 0.59
C VAL B 129 -17.29 -29.03 0.89
N LEU B 130 -16.78 -30.24 1.13
CA LEU B 130 -15.39 -30.41 1.51
C LEU B 130 -14.52 -30.63 0.29
N ALA B 131 -13.39 -29.93 0.22
CA ALA B 131 -12.43 -30.07 -0.85
C ALA B 131 -11.55 -31.27 -0.54
N TYR B 132 -12.01 -32.44 -0.97
CA TYR B 132 -11.30 -33.68 -0.67
C TYR B 132 -9.95 -33.71 -1.37
N SER B 133 -8.89 -33.86 -0.59
CA SER B 133 -7.54 -33.92 -1.11
C SER B 133 -7.16 -35.30 -1.62
N ASN B 134 -7.81 -36.35 -1.12
CA ASN B 134 -7.57 -37.70 -1.59
C ASN B 134 -8.88 -38.45 -1.40
N VAL B 135 -9.41 -39.00 -2.50
CA VAL B 135 -10.77 -39.52 -2.47
C VAL B 135 -10.87 -40.80 -1.63
N GLN B 136 -9.78 -41.53 -1.46
CA GLN B 136 -9.83 -42.80 -0.74
C GLN B 136 -9.96 -42.57 0.76
N GLU B 137 -8.95 -41.94 1.36
CA GLU B 137 -9.03 -41.62 2.78
C GLU B 137 -10.06 -40.54 3.07
N ARG B 138 -10.42 -39.75 2.05
CA ARG B 138 -11.51 -38.79 2.14
C ARG B 138 -11.27 -37.75 3.24
N GLU B 139 -10.05 -37.21 3.28
CA GLU B 139 -9.70 -36.18 4.24
C GLU B 139 -9.60 -34.83 3.54
N ALA B 140 -9.95 -33.77 4.26
CA ALA B 140 -9.96 -32.43 3.70
C ALA B 140 -9.61 -31.43 4.79
N GLN B 141 -9.16 -30.25 4.37
CA GLN B 141 -8.77 -29.20 5.29
C GLN B 141 -9.57 -27.91 5.12
N PHE B 142 -10.03 -27.60 3.92
CA PHE B 142 -10.80 -26.39 3.66
C PHE B 142 -12.10 -26.76 2.96
N GLY B 143 -12.95 -25.77 2.75
CA GLY B 143 -14.24 -26.03 2.13
C GLY B 143 -15.00 -24.75 1.87
N THR B 144 -16.23 -24.92 1.38
CA THR B 144 -17.10 -23.81 1.01
C THR B 144 -18.50 -24.07 1.54
N THR B 145 -19.18 -23.00 1.95
CA THR B 145 -20.56 -23.11 2.43
C THR B 145 -21.53 -22.57 1.39
N ALA B 146 -22.50 -23.40 1.02
CA ALA B 146 -23.50 -23.04 0.02
C ALA B 146 -24.89 -23.13 0.64
N GLU B 147 -25.79 -22.22 0.26
CA GLU B 147 -27.18 -22.30 0.69
C GLU B 147 -28.02 -22.84 -0.45
N ILE B 148 -29.07 -23.56 -0.10
CA ILE B 148 -30.08 -23.98 -1.07
C ILE B 148 -30.92 -22.77 -1.43
N TYR B 149 -30.96 -22.43 -2.72
CA TYR B 149 -31.86 -21.38 -3.17
C TYR B 149 -32.99 -21.89 -4.05
N ALA B 150 -32.90 -23.11 -4.55
CA ALA B 150 -34.00 -23.75 -5.26
C ALA B 150 -34.12 -25.18 -4.74
N TYR B 151 -35.35 -25.69 -4.68
CA TYR B 151 -35.62 -26.96 -4.04
C TYR B 151 -37.02 -27.41 -4.41
N ARG B 152 -37.19 -28.71 -4.64
CA ARG B 152 -38.53 -29.27 -4.86
C ARG B 152 -38.51 -30.76 -4.56
N GLU B 153 -39.71 -31.31 -4.42
CA GLU B 153 -39.92 -32.70 -4.04
C GLU B 153 -40.71 -33.46 -5.11
N GLU B 154 -40.30 -34.69 -5.37
CA GLU B 154 -41.03 -35.60 -6.25
C GLU B 154 -41.48 -36.81 -5.46
N GLN B 155 -42.43 -37.54 -6.03
CA GLN B 155 -42.83 -38.84 -5.51
C GLN B 155 -42.91 -39.88 -6.62
N ASP B 156 -42.12 -39.73 -7.68
CA ASP B 156 -42.19 -40.65 -8.80
C ASP B 156 -41.71 -42.03 -8.39
N PHE B 157 -42.39 -43.06 -8.91
CA PHE B 157 -42.10 -44.46 -8.63
C PHE B 157 -42.23 -44.83 -7.16
N GLY B 158 -42.76 -43.94 -6.33
CA GLY B 158 -42.91 -44.22 -4.92
C GLY B 158 -41.69 -43.92 -4.08
N ILE B 159 -40.68 -43.26 -4.64
CA ILE B 159 -39.48 -42.87 -3.91
C ILE B 159 -39.38 -41.34 -3.96
N GLU B 160 -39.13 -40.75 -2.80
CA GLU B 160 -38.95 -39.30 -2.72
C GLU B 160 -37.63 -38.88 -3.34
N ILE B 161 -37.69 -38.00 -4.33
CA ILE B 161 -36.50 -37.48 -4.99
C ILE B 161 -36.49 -35.96 -4.82
N VAL B 162 -35.33 -35.43 -4.41
CA VAL B 162 -35.19 -34.00 -4.17
C VAL B 162 -34.18 -33.43 -5.15
N LYS B 163 -34.55 -32.30 -5.76
CA LYS B 163 -33.67 -31.55 -6.63
C LYS B 163 -33.43 -30.17 -6.02
N VAL B 164 -32.17 -29.80 -5.85
CA VAL B 164 -31.81 -28.53 -5.23
C VAL B 164 -30.71 -27.85 -6.04
N LYS B 165 -30.64 -26.54 -5.91
CA LYS B 165 -29.59 -25.73 -6.52
C LYS B 165 -28.98 -24.83 -5.45
N ALA B 166 -27.65 -24.80 -5.40
CA ALA B 166 -26.92 -24.13 -4.35
C ALA B 166 -25.85 -23.24 -4.94
N ILE B 167 -25.41 -22.26 -4.14
CA ILE B 167 -24.37 -21.33 -4.59
C ILE B 167 -23.40 -21.11 -3.43
N GLY B 168 -22.10 -21.19 -3.73
CA GLY B 168 -21.07 -21.06 -2.71
C GLY B 168 -20.97 -19.63 -2.20
N ARG B 169 -20.75 -19.47 -0.89
CA ARG B 169 -20.65 -18.14 -0.29
C ARG B 169 -19.30 -17.92 0.40
N GLN B 170 -18.97 -18.76 1.36
CA GLN B 170 -17.88 -18.48 2.28
C GLN B 170 -16.89 -19.64 2.30
N ARG B 171 -15.65 -19.31 2.65
CA ARG B 171 -14.58 -20.27 2.80
C ARG B 171 -14.36 -20.55 4.29
N PHE B 172 -13.98 -21.77 4.61
CA PHE B 172 -13.79 -22.17 5.99
C PHE B 172 -12.66 -23.18 6.11
N LYS B 173 -12.18 -23.33 7.35
CA LYS B 173 -11.21 -24.35 7.72
C LYS B 173 -11.86 -25.33 8.67
N VAL B 174 -11.71 -26.63 8.37
CA VAL B 174 -12.37 -27.68 9.12
C VAL B 174 -11.44 -28.16 10.23
N LEU B 175 -11.98 -28.37 11.41
CA LEU B 175 -11.20 -28.80 12.57
C LEU B 175 -11.35 -30.29 12.88
N GLU B 176 -12.57 -30.83 12.81
CA GLU B 176 -12.78 -32.23 13.17
C GLU B 176 -14.11 -32.67 12.58
N LEU B 177 -14.17 -33.93 12.15
CA LEU B 177 -15.33 -34.49 11.45
C LEU B 177 -16.07 -35.42 12.40
N ARG B 178 -17.30 -35.06 12.74
CA ARG B 178 -18.16 -35.92 13.55
C ARG B 178 -19.01 -36.77 12.62
N THR B 179 -18.89 -38.08 12.75
CA THR B 179 -19.72 -39.01 11.99
C THR B 179 -20.97 -39.28 12.83
N GLN B 180 -22.13 -38.88 12.32
CA GLN B 180 -23.36 -39.07 13.07
C GLN B 180 -23.76 -40.52 13.08
N SER B 181 -24.56 -40.89 14.08
CA SER B 181 -25.17 -42.21 14.08
C SER B 181 -26.18 -42.35 12.95
N ASP B 182 -26.71 -41.23 12.47
CA ASP B 182 -27.63 -41.21 11.34
C ASP B 182 -26.94 -41.41 10.00
N GLY B 183 -25.60 -41.43 9.99
CA GLY B 183 -24.85 -41.62 8.76
C GLY B 183 -24.39 -40.36 8.08
N ILE B 184 -24.91 -39.20 8.47
CA ILE B 184 -24.45 -37.95 7.88
C ILE B 184 -23.20 -37.46 8.62
N GLN B 185 -22.49 -36.54 7.99
CA GLN B 185 -21.25 -35.99 8.54
C GLN B 185 -21.44 -34.53 8.87
N GLN B 186 -21.15 -34.16 10.12
CA GLN B 186 -21.23 -32.78 10.57
C GLN B 186 -19.84 -32.34 11.02
N ALA B 187 -19.39 -31.20 10.51
CA ALA B 187 -18.02 -30.76 10.67
C ALA B 187 -17.94 -29.48 11.50
N LYS B 188 -16.84 -29.35 12.23
CA LYS B 188 -16.56 -28.16 13.03
C LYS B 188 -15.79 -27.18 12.15
N VAL B 189 -16.29 -25.96 12.05
CA VAL B 189 -15.96 -25.05 10.96
C VAL B 189 -15.55 -23.70 11.52
N GLN B 190 -14.47 -23.14 10.99
CA GLN B 190 -14.04 -21.79 11.34
C GLN B 190 -14.02 -20.96 10.07
N ILE B 191 -14.69 -19.81 10.10
CA ILE B 191 -14.88 -18.99 8.90
C ILE B 191 -13.59 -18.25 8.58
N LEU B 192 -13.07 -18.44 7.38
CA LEU B 192 -11.91 -17.69 6.92
C LEU B 192 -12.35 -16.32 6.42
N PRO B 193 -11.82 -15.23 6.96
CA PRO B 193 -12.33 -13.90 6.60
C PRO B 193 -11.87 -13.46 5.23
N GLU B 194 -12.58 -12.49 4.67
CA GLU B 194 -12.20 -11.85 3.42
C GLU B 194 -11.24 -10.71 3.70
N CYS B 195 -10.07 -10.76 3.08
CA CYS B 195 -9.03 -9.76 3.32
C CYS B 195 -9.14 -8.67 2.27
N VAL B 196 -9.53 -7.47 2.68
CA VAL B 196 -9.60 -6.32 1.81
C VAL B 196 -8.44 -5.38 2.15
N LEU B 197 -7.66 -5.02 1.14
CA LEU B 197 -6.51 -4.21 1.51
C LEU B 197 -6.62 -2.82 0.90
N PRO B 198 -6.13 -1.80 1.58
CA PRO B 198 -6.16 -0.45 1.01
C PRO B 198 -5.16 -0.33 -0.14
N SER B 199 -5.19 0.83 -0.78
CA SER B 199 -4.18 1.13 -1.79
C SER B 199 -2.80 1.11 -1.14
N THR B 200 -1.82 0.58 -1.88
CA THR B 200 -0.49 0.44 -1.33
C THR B 200 0.13 1.80 -1.01
N MET B 201 -0.32 2.85 -1.69
CA MET B 201 0.27 4.17 -1.50
C MET B 201 -0.42 4.99 -0.43
N SER B 202 -1.49 4.47 0.19
CA SER B 202 -2.18 5.21 1.24
C SER B 202 -1.35 5.33 2.51
N ALA B 203 -0.25 4.58 2.63
CA ALA B 203 0.59 4.66 3.81
C ALA B 203 1.73 5.66 3.67
N VAL B 204 1.91 6.26 2.49
CA VAL B 204 3.01 7.21 2.27
C VAL B 204 2.50 8.42 1.50
N GLN B 205 1.19 8.53 1.33
CA GLN B 205 0.63 9.54 0.45
C GLN B 205 0.92 10.94 0.96
N LEU B 206 1.42 11.80 0.07
CA LEU B 206 1.58 13.21 0.40
C LEU B 206 0.23 13.88 0.52
N GLU B 207 0.07 14.73 1.54
CA GLU B 207 -1.20 15.38 1.76
C GLU B 207 -1.59 16.29 0.61
N SER B 208 -0.60 16.87 -0.09
CA SER B 208 -0.90 17.71 -1.23
C SER B 208 -1.29 16.90 -2.45
N LEU B 209 -0.74 15.69 -2.60
CA LEU B 209 -1.06 14.85 -3.74
C LEU B 209 -2.33 14.03 -3.56
N ASN B 210 -2.93 14.05 -2.36
CA ASN B 210 -4.28 13.52 -2.20
C ASN B 210 -5.25 14.26 -3.12
N LYS B 211 -4.96 15.53 -3.40
CA LYS B 211 -5.81 16.37 -4.23
C LYS B 211 -5.85 15.89 -5.68
N CYS B 212 -4.84 15.17 -6.13
CA CYS B 212 -4.76 14.71 -7.52
C CYS B 212 -4.98 13.22 -7.67
N GLN B 213 -5.62 12.58 -6.68
CA GLN B 213 -5.83 11.14 -6.72
C GLN B 213 -7.15 10.72 -7.34
N ILE B 214 -8.00 11.68 -7.73
CA ILE B 214 -9.24 11.38 -8.44
C ILE B 214 -8.99 11.59 -9.93
N PHE B 215 -9.14 10.53 -10.70
CA PHE B 215 -8.80 10.52 -12.12
C PHE B 215 -10.04 10.69 -12.98
N PRO B 216 -9.90 11.24 -14.17
CA PRO B 216 -11.03 11.23 -15.12
C PRO B 216 -11.41 9.81 -15.50
N SER B 217 -12.69 9.63 -15.83
CA SER B 217 -13.25 8.30 -16.05
C SER B 217 -12.56 7.58 -17.20
N LYS B 218 -12.38 6.28 -17.03
CA LYS B 218 -11.70 5.47 -18.03
C LYS B 218 -12.50 5.40 -19.31
N PRO B 219 -11.87 5.58 -20.49
CA PRO B 219 -12.52 5.38 -21.79
C PRO B 219 -12.63 3.89 -22.15
N VAL B 220 -12.94 3.62 -23.42
CA VAL B 220 -13.01 2.19 -23.88
C VAL B 220 -11.64 1.53 -23.64
N SER B 221 -11.63 0.36 -22.99
CA SER B 221 -10.37 -0.39 -22.78
C SER B 221 -10.48 -1.77 -23.44
N ARG B 222 -11.09 -1.82 -24.63
CA ARG B 222 -11.32 -3.13 -25.30
C ARG B 222 -10.60 -3.15 -26.65
N GLU B 223 -10.89 -4.15 -27.49
CA GLU B 223 -10.25 -4.27 -28.83
C GLU B 223 -8.72 -4.22 -28.67
N ASP B 224 -8.06 -3.31 -29.39
CA ASP B 224 -6.57 -3.24 -29.36
C ASP B 224 -6.14 -1.90 -28.78
N GLN B 225 -6.49 -0.81 -29.45
CA GLN B 225 -6.16 0.56 -28.97
C GLN B 225 -6.48 0.65 -27.47
N CYS B 226 -7.69 0.27 -27.08
CA CYS B 226 -8.11 0.32 -25.65
C CYS B 226 -7.75 1.69 -25.04
N SER B 227 -7.19 1.67 -23.84
CA SER B 227 -6.80 2.89 -23.14
C SER B 227 -5.34 2.83 -22.68
N TYR B 228 -4.44 2.40 -23.55
CA TYR B 228 -3.05 2.15 -23.14
C TYR B 228 -2.36 3.42 -22.66
N LYS B 229 -2.58 4.54 -23.37
CA LYS B 229 -2.09 5.82 -22.89
C LYS B 229 -2.73 6.19 -21.57
N TRP B 230 -4.02 5.85 -21.40
CA TRP B 230 -4.70 6.13 -20.15
C TRP B 230 -4.09 5.33 -19.00
N TRP B 231 -3.70 4.07 -19.25
CA TRP B 231 -3.07 3.30 -18.18
C TRP B 231 -1.65 3.77 -17.89
N GLN B 232 -0.95 4.29 -18.89
CA GLN B 232 0.33 4.93 -18.63
C GLN B 232 0.15 6.13 -17.70
N LYS B 233 -0.85 6.97 -18.00
CA LYS B 233 -1.16 8.10 -17.14
C LYS B 233 -1.59 7.66 -15.75
N TYR B 234 -2.38 6.60 -15.68
CA TYR B 234 -2.84 6.05 -14.41
C TYR B 234 -1.67 5.58 -13.55
N GLN B 235 -0.72 4.88 -14.16
CA GLN B 235 0.48 4.46 -13.44
C GLN B 235 1.29 5.67 -12.96
N LYS B 236 1.45 6.67 -13.82
CA LYS B 236 2.28 7.81 -13.45
C LYS B 236 1.66 8.62 -12.32
N ARG B 237 0.33 8.75 -12.32
CA ARG B 237 -0.30 9.63 -11.34
C ARG B 237 -0.64 8.90 -10.04
N LYS B 238 -1.03 7.63 -10.11
CA LYS B 238 -1.40 6.91 -8.89
C LYS B 238 -0.17 6.56 -8.05
N PHE B 239 0.88 6.05 -8.70
CA PHE B 239 2.09 5.63 -7.99
C PHE B 239 3.19 6.68 -8.05
N HIS B 240 2.83 7.96 -8.07
CA HIS B 240 3.84 9.02 -8.05
C HIS B 240 4.67 8.96 -6.77
N CYS B 241 4.02 8.70 -5.64
CA CYS B 241 4.70 8.65 -4.35
C CYS B 241 5.59 7.43 -4.18
N ALA B 242 5.77 6.62 -5.23
CA ALA B 242 6.73 5.51 -5.16
C ALA B 242 8.16 6.02 -5.14
N ASN B 243 8.36 7.31 -5.43
CA ASN B 243 9.70 7.89 -5.34
C ASN B 243 10.14 8.05 -3.89
N LEU B 244 9.20 7.98 -2.94
CA LEU B 244 9.55 8.04 -1.53
C LEU B 244 10.00 6.69 -0.99
N THR B 245 9.75 5.61 -1.72
CA THR B 245 10.09 4.26 -1.29
C THR B 245 11.22 3.71 -2.15
N SER B 246 11.58 2.46 -1.89
CA SER B 246 12.69 1.85 -2.62
C SER B 246 12.23 1.10 -3.86
N TRP B 247 10.93 1.12 -4.15
CA TRP B 247 10.56 0.31 -5.29
C TRP B 247 9.98 1.16 -6.42
N PRO B 248 10.11 0.72 -7.66
CA PRO B 248 9.60 1.50 -8.80
C PRO B 248 8.10 1.34 -8.96
N ARG B 249 7.56 2.09 -9.93
CA ARG B 249 6.12 2.16 -10.12
C ARG B 249 5.55 0.87 -10.68
N TRP B 250 6.24 0.24 -11.63
CA TRP B 250 5.72 -0.99 -12.23
C TRP B 250 5.64 -2.12 -11.22
N LEU B 251 6.53 -2.13 -10.23
CA LEU B 251 6.41 -3.09 -9.15
C LEU B 251 5.10 -2.91 -8.39
N TYR B 252 4.72 -1.66 -8.12
CA TYR B 252 3.46 -1.42 -7.42
C TYR B 252 2.26 -1.68 -8.32
N SER B 253 2.41 -1.51 -9.63
CA SER B 253 1.33 -1.87 -10.55
C SER B 253 1.15 -3.38 -10.64
N LEU B 254 2.21 -4.15 -10.41
CA LEU B 254 2.07 -5.60 -10.35
C LEU B 254 1.27 -6.07 -9.14
N TYR B 255 1.01 -5.20 -8.17
CA TYR B 255 0.21 -5.53 -6.99
C TYR B 255 -1.02 -4.63 -6.88
N ASP B 256 -1.53 -4.16 -8.02
CA ASP B 256 -2.71 -3.30 -8.06
C ASP B 256 -3.86 -4.05 -8.68
N ALA B 257 -5.03 -3.98 -8.04
CA ALA B 257 -6.16 -4.82 -8.42
C ALA B 257 -6.67 -4.47 -9.82
N GLU B 258 -6.87 -3.17 -10.09
CA GLU B 258 -7.46 -2.77 -11.35
C GLU B 258 -6.58 -3.15 -12.54
N THR B 259 -5.27 -2.97 -12.40
CA THR B 259 -4.36 -3.34 -13.49
C THR B 259 -4.39 -4.84 -13.74
N LEU B 260 -4.43 -5.64 -12.68
CA LEU B 260 -4.50 -7.08 -12.83
C LEU B 260 -5.79 -7.51 -13.52
N MET B 261 -6.91 -6.89 -13.16
CA MET B 261 -8.18 -7.21 -13.82
C MET B 261 -8.12 -6.82 -15.29
N ASP B 262 -7.53 -5.67 -15.61
CA ASP B 262 -7.36 -5.28 -17.01
C ASP B 262 -6.56 -6.34 -17.76
N ARG B 263 -5.45 -6.78 -17.18
CA ARG B 263 -4.60 -7.75 -17.87
C ARG B 263 -5.34 -9.06 -18.10
N ILE B 264 -6.12 -9.51 -17.10
CA ILE B 264 -6.88 -10.75 -17.25
C ILE B 264 -7.92 -10.60 -18.36
N LYS B 265 -8.62 -9.47 -18.39
CA LYS B 265 -9.62 -9.23 -19.42
C LYS B 265 -8.99 -9.23 -20.81
N LYS B 266 -7.86 -8.53 -20.95
CA LYS B 266 -7.20 -8.45 -22.25
C LYS B 266 -6.72 -9.82 -22.69
N GLN B 267 -6.19 -10.61 -21.77
CA GLN B 267 -5.74 -11.95 -22.13
C GLN B 267 -6.93 -12.82 -22.57
N LEU B 268 -8.04 -12.73 -21.85
CA LEU B 268 -9.21 -13.54 -22.19
C LEU B 268 -9.77 -13.15 -23.55
N ARG B 269 -9.76 -11.85 -23.86
CA ARG B 269 -10.36 -11.38 -25.11
C ARG B 269 -9.64 -11.94 -26.34
N GLU B 270 -8.37 -12.30 -26.21
CA GLU B 270 -7.63 -12.83 -27.36
C GLU B 270 -8.07 -14.23 -27.73
N TRP B 271 -8.30 -15.11 -26.75
CA TRP B 271 -8.78 -16.45 -27.04
C TRP B 271 -10.29 -16.46 -27.31
N ASP B 272 -11.07 -15.96 -26.36
CA ASP B 272 -12.52 -15.89 -26.50
C ASP B 272 -12.88 -14.55 -27.17
N GLU B 273 -12.94 -14.60 -28.50
CA GLU B 273 -13.04 -13.38 -29.30
C GLU B 273 -14.38 -12.66 -29.11
N ASN B 274 -15.46 -13.39 -28.79
CA ASN B 274 -16.79 -12.79 -28.71
C ASN B 274 -17.14 -12.31 -27.32
N LEU B 275 -16.19 -12.33 -26.39
CA LEU B 275 -16.45 -11.86 -25.03
C LEU B 275 -16.64 -10.35 -25.01
N LYS B 276 -17.82 -9.90 -24.59
CA LYS B 276 -18.03 -8.46 -24.44
C LYS B 276 -17.81 -8.05 -22.99
N ASP B 277 -17.36 -6.80 -22.80
CA ASP B 277 -16.70 -6.43 -21.55
C ASP B 277 -17.63 -6.45 -20.35
N ASP B 278 -18.94 -6.40 -20.56
CA ASP B 278 -19.86 -6.37 -19.43
C ASP B 278 -20.04 -7.73 -18.78
N SER B 279 -19.55 -8.81 -19.39
CA SER B 279 -19.76 -10.14 -18.82
C SER B 279 -19.07 -10.29 -17.47
N LEU B 280 -17.85 -9.78 -17.34
CA LEU B 280 -17.14 -10.03 -16.11
C LEU B 280 -17.57 -9.03 -15.03
N PRO B 281 -17.73 -9.49 -13.79
CA PRO B 281 -18.09 -8.57 -12.70
C PRO B 281 -17.00 -7.55 -12.45
N SER B 282 -17.40 -6.35 -12.01
CA SER B 282 -16.49 -5.23 -11.87
C SER B 282 -15.90 -5.12 -10.46
N ASN B 283 -16.19 -6.06 -9.59
CA ASN B 283 -15.62 -6.04 -8.26
C ASN B 283 -14.43 -6.99 -8.20
N PRO B 284 -13.31 -6.60 -7.59
CA PRO B 284 -12.13 -7.49 -7.59
C PRO B 284 -12.38 -8.86 -7.00
N ILE B 285 -13.13 -8.95 -5.91
CA ILE B 285 -13.36 -10.24 -5.24
C ILE B 285 -14.24 -11.14 -6.12
N ASP B 286 -15.35 -10.58 -6.63
CA ASP B 286 -16.23 -11.34 -7.48
C ASP B 286 -15.54 -11.74 -8.77
N PHE B 287 -14.75 -10.83 -9.34
CA PHE B 287 -13.98 -11.15 -10.55
C PHE B 287 -13.03 -12.30 -10.29
N SER B 288 -12.30 -12.25 -9.18
CA SER B 288 -11.34 -13.30 -8.89
C SER B 288 -12.03 -14.65 -8.71
N TYR B 289 -13.16 -14.68 -7.99
CA TYR B 289 -13.88 -15.94 -7.86
C TYR B 289 -14.45 -16.44 -9.18
N ARG B 290 -14.99 -15.55 -10.01
CA ARG B 290 -15.53 -15.97 -11.29
C ARG B 290 -14.44 -16.58 -12.17
N VAL B 291 -13.28 -15.92 -12.22
CA VAL B 291 -12.17 -16.44 -13.04
C VAL B 291 -11.65 -17.75 -12.46
N ALA B 292 -11.58 -17.86 -11.13
CA ALA B 292 -11.11 -19.09 -10.52
C ALA B 292 -12.05 -20.25 -10.83
N ALA B 293 -13.36 -20.01 -10.79
CA ALA B 293 -14.31 -21.05 -11.15
C ALA B 293 -14.18 -21.43 -12.62
N CYS B 294 -13.96 -20.46 -13.49
CA CYS B 294 -13.98 -20.72 -14.92
C CYS B 294 -12.71 -21.40 -15.43
N LEU B 295 -11.63 -21.38 -14.68
CA LEU B 295 -10.37 -21.91 -15.19
C LEU B 295 -10.37 -23.44 -15.19
N PRO B 296 -10.05 -24.08 -16.30
CA PRO B 296 -9.99 -25.55 -16.33
C PRO B 296 -8.67 -26.11 -15.80
N ILE B 297 -8.56 -26.27 -14.48
CA ILE B 297 -7.31 -26.71 -13.85
C ILE B 297 -7.59 -27.88 -12.92
N ASP B 298 -6.50 -28.50 -12.45
CA ASP B 298 -6.61 -29.68 -11.59
C ASP B 298 -7.06 -29.33 -10.18
N ASP B 299 -7.27 -30.39 -9.39
CA ASP B 299 -7.76 -30.22 -8.03
C ASP B 299 -6.74 -29.52 -7.15
N VAL B 300 -5.44 -29.84 -7.31
CA VAL B 300 -4.43 -29.20 -6.50
C VAL B 300 -4.39 -27.69 -6.74
N LEU B 301 -4.46 -27.28 -8.00
CA LEU B 301 -4.46 -25.85 -8.31
C LEU B 301 -5.71 -25.16 -7.78
N ARG B 302 -6.88 -25.83 -7.87
CA ARG B 302 -8.11 -25.23 -7.34
C ARG B 302 -8.05 -25.09 -5.83
N ILE B 303 -7.53 -26.09 -5.14
CA ILE B 303 -7.38 -26.01 -3.69
C ILE B 303 -6.40 -24.89 -3.34
N GLN B 304 -5.32 -24.76 -4.11
CA GLN B 304 -4.37 -23.68 -3.89
C GLN B 304 -5.05 -22.32 -4.05
N LEU B 305 -5.88 -22.18 -5.08
CA LEU B 305 -6.60 -20.92 -5.27
C LEU B 305 -7.59 -20.65 -4.13
N LEU B 306 -8.25 -21.70 -3.63
CA LEU B 306 -9.19 -21.51 -2.53
C LEU B 306 -8.48 -21.15 -1.23
N LYS B 307 -7.23 -21.61 -1.05
CA LYS B 307 -6.50 -21.30 0.17
C LYS B 307 -6.16 -19.81 0.26
N ILE B 308 -6.14 -19.12 -0.86
CA ILE B 308 -5.74 -17.72 -0.88
C ILE B 308 -6.84 -16.86 -0.26
N GLY B 309 -6.46 -15.99 0.66
CA GLY B 309 -7.41 -15.16 1.36
C GLY B 309 -7.53 -13.74 0.89
N SER B 310 -6.74 -13.33 -0.11
CA SER B 310 -6.75 -11.97 -0.59
C SER B 310 -7.00 -11.95 -2.09
N ALA B 311 -7.71 -10.91 -2.54
CA ALA B 311 -8.05 -10.82 -3.96
C ALA B 311 -6.81 -10.60 -4.81
N ILE B 312 -5.84 -9.84 -4.31
CA ILE B 312 -4.64 -9.53 -5.10
C ILE B 312 -3.86 -10.81 -5.39
N GLN B 313 -3.64 -11.62 -4.36
CA GLN B 313 -2.89 -12.86 -4.55
C GLN B 313 -3.63 -13.82 -5.47
N ARG B 314 -4.97 -13.87 -5.34
CA ARG B 314 -5.76 -14.72 -6.21
C ARG B 314 -5.65 -14.27 -7.67
N LEU B 315 -5.71 -12.97 -7.91
CA LEU B 315 -5.57 -12.45 -9.26
C LEU B 315 -4.18 -12.77 -9.83
N ARG B 316 -3.14 -12.58 -9.01
CA ARG B 316 -1.80 -12.88 -9.48
C ARG B 316 -1.63 -14.36 -9.81
N CYS B 317 -2.17 -15.24 -8.96
CA CYS B 317 -2.09 -16.67 -9.23
C CYS B 317 -2.86 -17.04 -10.48
N GLU B 318 -4.02 -16.42 -10.69
CA GLU B 318 -4.79 -16.68 -11.91
C GLU B 318 -4.03 -16.25 -13.15
N LEU B 319 -3.37 -15.08 -13.08
CA LEU B 319 -2.56 -14.63 -14.20
C LEU B 319 -1.41 -15.58 -14.48
N ASP B 320 -0.75 -16.07 -13.43
CA ASP B 320 0.34 -17.01 -13.62
C ASP B 320 -0.15 -18.30 -14.26
N ILE B 321 -1.30 -18.80 -13.79
CA ILE B 321 -1.86 -20.02 -14.36
C ILE B 321 -2.21 -19.82 -15.82
N MET B 322 -2.82 -18.68 -16.16
CA MET B 322 -3.18 -18.40 -17.54
C MET B 322 -1.95 -18.29 -18.44
N ASN B 323 -0.90 -17.63 -17.95
CA ASN B 323 0.28 -17.42 -18.77
C ASN B 323 1.10 -18.69 -18.94
N LYS B 324 1.04 -19.58 -17.97
CA LYS B 324 1.73 -20.86 -18.10
C LYS B 324 1.20 -21.60 -19.31
N CYS B 325 2.13 -22.16 -20.10
CA CYS B 325 1.74 -22.84 -21.34
C CYS B 325 0.81 -24.01 -21.02
N THR B 326 -0.30 -24.09 -21.74
CA THR B 326 -1.32 -25.09 -21.43
C THR B 326 -1.88 -25.69 -22.70
N SER B 327 -2.27 -26.97 -22.60
CA SER B 327 -3.04 -27.66 -23.61
C SER B 327 -3.77 -28.79 -22.90
N LEU B 328 -4.97 -29.12 -23.38
CA LEU B 328 -5.83 -30.06 -22.67
C LEU B 328 -5.67 -31.45 -23.26
N CYS B 329 -5.45 -32.44 -22.39
CA CYS B 329 -5.26 -33.82 -22.80
C CYS B 329 -6.07 -34.72 -21.89
N CYS B 330 -6.46 -35.88 -22.39
CA CYS B 330 -7.08 -36.88 -21.53
C CYS B 330 -6.02 -37.51 -20.63
N LYS B 331 -6.37 -37.72 -19.37
CA LYS B 331 -5.37 -38.00 -18.36
C LYS B 331 -4.73 -39.38 -18.54
N GLN B 332 -5.39 -40.28 -19.27
CA GLN B 332 -4.86 -41.65 -19.34
C GLN B 332 -3.66 -41.70 -20.28
N CYS B 333 -3.68 -40.89 -21.35
CA CYS B 333 -2.51 -40.71 -22.21
C CYS B 333 -2.23 -39.21 -22.31
N GLN B 334 -1.12 -38.78 -21.70
CA GLN B 334 -0.76 -37.37 -21.77
C GLN B 334 -0.22 -37.00 -23.15
N GLU B 335 0.12 -38.01 -23.95
CA GLU B 335 0.57 -37.76 -25.31
C GLU B 335 -0.55 -37.17 -26.16
N THR B 336 -1.79 -37.61 -25.91
CA THR B 336 -2.91 -37.48 -26.83
C THR B 336 -3.65 -36.17 -26.58
N GLU B 337 -3.45 -35.20 -27.48
CA GLU B 337 -4.04 -33.88 -27.34
C GLU B 337 -5.48 -33.87 -27.83
N ILE B 338 -6.36 -33.23 -27.07
CA ILE B 338 -7.77 -33.13 -27.42
C ILE B 338 -8.13 -31.73 -27.89
N THR B 339 -7.87 -30.71 -27.06
CA THR B 339 -8.31 -29.36 -27.36
C THR B 339 -7.24 -28.36 -26.95
N THR B 340 -7.14 -27.29 -27.72
CA THR B 340 -6.25 -26.18 -27.42
C THR B 340 -7.04 -25.00 -26.86
N LYS B 341 -6.33 -24.03 -26.31
CA LYS B 341 -6.96 -22.86 -25.72
C LYS B 341 -7.65 -21.97 -26.74
N ASN B 342 -7.35 -22.15 -28.04
CA ASN B 342 -7.95 -21.29 -29.05
C ASN B 342 -9.39 -21.68 -29.32
N GLU B 343 -9.78 -22.91 -28.98
CA GLU B 343 -11.10 -23.43 -29.31
C GLU B 343 -12.11 -23.29 -28.17
N ILE B 344 -11.74 -22.65 -27.07
CA ILE B 344 -12.63 -22.57 -25.92
C ILE B 344 -13.50 -21.32 -26.02
N PHE B 345 -14.81 -21.49 -25.89
CA PHE B 345 -15.74 -20.38 -25.93
C PHE B 345 -16.83 -20.59 -24.89
N SER B 346 -17.46 -19.49 -24.48
CA SER B 346 -18.44 -19.50 -23.39
C SER B 346 -19.84 -19.46 -23.99
N LEU B 347 -20.60 -20.54 -23.79
CA LEU B 347 -21.96 -20.61 -24.29
C LEU B 347 -22.99 -20.14 -23.27
N SER B 348 -22.58 -19.86 -22.04
CA SER B 348 -23.47 -19.38 -21.00
C SER B 348 -22.82 -18.21 -20.26
N LEU B 349 -23.63 -17.53 -19.44
CA LEU B 349 -23.10 -16.44 -18.64
C LEU B 349 -22.10 -16.92 -17.60
N CYS B 350 -22.11 -18.21 -17.30
CA CYS B 350 -21.18 -18.77 -16.33
C CYS B 350 -19.83 -19.10 -16.93
N GLY B 351 -19.58 -18.77 -18.20
CA GLY B 351 -18.30 -19.02 -18.80
C GLY B 351 -18.24 -20.35 -19.53
N PRO B 352 -17.03 -20.78 -19.89
CA PRO B 352 -16.88 -22.03 -20.65
C PRO B 352 -17.10 -23.30 -19.84
N MET B 353 -17.14 -23.22 -18.51
CA MET B 353 -17.27 -24.43 -17.70
C MET B 353 -18.25 -24.16 -16.57
N ALA B 354 -19.17 -25.10 -16.37
CA ALA B 354 -20.18 -24.99 -15.32
C ALA B 354 -20.55 -26.39 -14.83
N ALA B 355 -21.48 -26.43 -13.88
CA ALA B 355 -21.88 -27.67 -13.25
C ALA B 355 -23.28 -28.09 -13.69
N TYR B 356 -23.44 -29.38 -13.98
CA TYR B 356 -24.70 -29.94 -14.43
C TYR B 356 -24.85 -31.34 -13.86
N VAL B 357 -26.08 -31.85 -13.88
CA VAL B 357 -26.41 -33.16 -13.33
C VAL B 357 -27.07 -34.02 -14.40
N ASN B 358 -26.67 -35.28 -14.48
CA ASN B 358 -27.34 -36.25 -15.32
C ASN B 358 -28.55 -36.83 -14.56
N PRO B 359 -29.39 -37.63 -15.21
CA PRO B 359 -30.54 -38.20 -14.49
C PRO B 359 -30.17 -39.08 -13.31
N HIS B 360 -28.95 -39.61 -13.27
CA HIS B 360 -28.52 -40.48 -12.18
C HIS B 360 -27.90 -39.73 -11.01
N GLY B 361 -27.84 -38.41 -11.07
CA GLY B 361 -27.34 -37.61 -9.97
C GLY B 361 -25.89 -37.25 -10.03
N TYR B 362 -25.10 -37.85 -10.92
CA TYR B 362 -23.69 -37.52 -11.02
C TYR B 362 -23.52 -36.12 -11.58
N VAL B 363 -22.50 -35.41 -11.09
CA VAL B 363 -22.22 -34.04 -11.50
C VAL B 363 -21.01 -34.05 -12.43
N HIS B 364 -21.13 -33.37 -13.57
CA HIS B 364 -20.06 -33.27 -14.55
C HIS B 364 -19.71 -31.79 -14.73
N GLU B 365 -18.42 -31.48 -14.73
CA GLU B 365 -17.98 -30.15 -15.16
C GLU B 365 -17.75 -30.17 -16.67
N THR B 366 -18.55 -29.41 -17.40
CA THR B 366 -18.53 -29.45 -18.86
C THR B 366 -17.82 -28.22 -19.40
N LEU B 367 -16.82 -28.45 -20.25
CA LEU B 367 -16.11 -27.38 -20.95
C LEU B 367 -16.54 -27.41 -22.42
N THR B 368 -17.00 -26.27 -22.92
CA THR B 368 -17.54 -26.17 -24.26
C THR B 368 -16.47 -25.67 -25.22
N VAL B 369 -16.14 -26.49 -26.21
CA VAL B 369 -15.07 -26.19 -27.16
C VAL B 369 -15.59 -26.40 -28.58
N TYR B 370 -14.93 -25.75 -29.54
CA TYR B 370 -15.39 -25.76 -30.92
C TYR B 370 -14.92 -27.00 -31.66
N LYS B 371 -13.63 -27.31 -31.54
CA LYS B 371 -13.07 -28.52 -32.18
C LYS B 371 -12.34 -29.37 -31.12
N ALA B 372 -12.90 -30.53 -30.75
CA ALA B 372 -12.22 -31.44 -29.81
C ALA B 372 -11.71 -32.66 -30.57
N CYS B 373 -10.39 -32.88 -30.60
CA CYS B 373 -9.81 -33.98 -31.40
C CYS B 373 -9.77 -35.29 -30.60
N ASN B 374 -9.34 -36.39 -31.24
CA ASN B 374 -9.23 -37.70 -30.55
C ASN B 374 -10.53 -38.01 -29.79
N LEU B 375 -11.65 -38.06 -30.51
CA LEU B 375 -12.95 -38.41 -29.88
C LEU B 375 -13.67 -39.42 -30.78
N ASN B 376 -14.40 -40.37 -30.17
CA ASN B 376 -15.09 -41.43 -30.96
C ASN B 376 -16.58 -41.39 -30.65
N LEU B 377 -17.39 -40.97 -31.62
CA LEU B 377 -18.87 -40.90 -31.42
C LEU B 377 -19.43 -42.31 -31.29
N ILE B 378 -20.32 -42.52 -30.32
CA ILE B 378 -20.96 -43.87 -30.14
C ILE B 378 -22.48 -43.68 -30.02
N GLY B 379 -23.24 -44.19 -30.99
CA GLY B 379 -24.71 -44.12 -30.90
C GLY B 379 -25.28 -43.02 -31.78
N ARG B 380 -26.45 -42.49 -31.42
CA ARG B 380 -27.10 -41.48 -32.24
C ARG B 380 -27.48 -40.30 -31.36
N PRO B 381 -27.64 -39.09 -31.93
CA PRO B 381 -28.02 -37.93 -31.13
C PRO B 381 -29.39 -38.09 -30.48
N SER B 382 -29.51 -37.64 -29.24
CA SER B 382 -30.74 -37.77 -28.47
C SER B 382 -30.89 -36.57 -27.54
N THR B 383 -32.13 -36.30 -27.15
CA THR B 383 -32.45 -35.15 -26.30
C THR B 383 -33.21 -35.53 -25.05
N GLU B 384 -32.88 -36.67 -24.42
CA GLU B 384 -33.67 -37.11 -23.27
C GLU B 384 -33.46 -36.17 -22.08
N HIS B 385 -32.27 -35.59 -21.97
CA HIS B 385 -31.99 -34.55 -20.99
C HIS B 385 -31.28 -33.41 -21.69
N SER B 386 -31.59 -32.17 -21.31
CA SER B 386 -31.09 -31.00 -22.03
C SER B 386 -30.45 -30.01 -21.06
N TRP B 387 -29.14 -30.18 -20.84
CA TRP B 387 -28.33 -29.09 -20.29
C TRP B 387 -28.32 -27.87 -21.20
N PHE B 388 -28.17 -28.08 -22.51
CA PHE B 388 -28.28 -27.02 -23.50
C PHE B 388 -29.56 -27.26 -24.29
N PRO B 389 -30.61 -26.48 -24.07
CA PRO B 389 -31.86 -26.68 -24.79
C PRO B 389 -31.67 -26.54 -26.29
N GLY B 390 -32.37 -27.39 -27.04
CA GLY B 390 -32.25 -27.38 -28.48
C GLY B 390 -31.04 -28.09 -29.04
N TYR B 391 -30.35 -28.89 -28.24
CA TYR B 391 -29.16 -29.61 -28.68
C TYR B 391 -29.26 -31.07 -28.27
N ALA B 392 -29.02 -31.97 -29.23
CA ALA B 392 -28.92 -33.39 -28.92
C ALA B 392 -27.49 -33.72 -28.53
N TRP B 393 -27.29 -34.93 -27.99
CA TRP B 393 -25.99 -35.34 -27.52
C TRP B 393 -25.68 -36.76 -27.96
N THR B 394 -24.39 -37.06 -28.06
CA THR B 394 -23.89 -38.39 -28.38
C THR B 394 -22.57 -38.58 -27.65
N VAL B 395 -22.39 -39.75 -27.06
CA VAL B 395 -21.26 -40.01 -26.17
C VAL B 395 -19.97 -40.06 -26.99
N ALA B 396 -18.85 -39.71 -26.35
CA ALA B 396 -17.56 -39.61 -27.01
C ALA B 396 -16.50 -40.27 -26.14
N GLN B 397 -15.59 -41.00 -26.77
CA GLN B 397 -14.47 -41.65 -26.10
C GLN B 397 -13.19 -41.46 -26.91
N CYS B 398 -12.06 -41.40 -26.22
CA CYS B 398 -10.79 -41.21 -26.91
C CYS B 398 -10.46 -42.43 -27.75
N LYS B 399 -9.68 -42.23 -28.81
CA LYS B 399 -9.40 -43.29 -29.78
C LYS B 399 -8.88 -44.56 -29.14
N ILE B 400 -8.01 -44.45 -28.13
CA ILE B 400 -7.35 -45.62 -27.54
C ILE B 400 -7.63 -45.73 -26.04
N CYS B 401 -8.07 -44.66 -25.40
CA CYS B 401 -8.51 -44.77 -24.01
C CYS B 401 -9.73 -45.67 -23.88
N ALA B 402 -10.70 -45.50 -24.79
CA ALA B 402 -12.05 -46.03 -24.67
C ALA B 402 -12.77 -45.49 -23.44
N SER B 403 -12.19 -44.50 -22.76
CA SER B 403 -12.86 -43.89 -21.62
C SER B 403 -13.71 -42.71 -22.08
N HIS B 404 -14.75 -42.43 -21.31
CA HIS B 404 -15.72 -41.39 -21.66
C HIS B 404 -15.08 -40.02 -21.41
N ILE B 405 -15.08 -39.18 -22.44
CA ILE B 405 -14.49 -37.85 -22.36
C ILE B 405 -15.56 -36.77 -22.34
N GLY B 406 -16.66 -36.99 -23.07
CA GLY B 406 -17.71 -35.99 -23.13
C GLY B 406 -18.77 -36.39 -24.14
N TRP B 407 -19.49 -35.38 -24.63
CA TRP B 407 -20.58 -35.60 -25.57
C TRP B 407 -20.48 -34.63 -26.72
N LYS B 408 -20.92 -35.06 -27.90
CA LYS B 408 -21.05 -34.20 -29.06
C LYS B 408 -22.45 -33.60 -29.07
N PHE B 409 -22.53 -32.28 -29.16
CA PHE B 409 -23.81 -31.61 -29.26
C PHE B 409 -24.07 -31.26 -30.73
N THR B 410 -25.18 -31.77 -31.26
CA THR B 410 -25.58 -31.53 -32.63
C THR B 410 -26.87 -30.70 -32.62
N ALA B 411 -26.85 -29.58 -33.34
CA ALA B 411 -27.99 -28.68 -33.35
C ALA B 411 -29.20 -29.34 -33.98
N THR B 412 -30.38 -29.08 -33.41
CA THR B 412 -31.61 -29.62 -33.97
C THR B 412 -32.27 -28.65 -34.93
N LYS B 413 -32.34 -27.37 -34.57
CA LYS B 413 -32.87 -26.36 -35.47
C LYS B 413 -31.88 -26.11 -36.61
N LYS B 414 -32.41 -25.64 -37.74
CA LYS B 414 -31.61 -25.51 -38.94
C LYS B 414 -30.87 -24.19 -39.04
N ASP B 415 -31.03 -23.28 -38.08
CA ASP B 415 -30.52 -21.92 -38.23
C ASP B 415 -29.61 -21.43 -37.10
N MET B 416 -29.38 -22.23 -36.06
CA MET B 416 -28.49 -21.78 -34.99
C MET B 416 -27.04 -21.77 -35.47
N SER B 417 -26.29 -20.74 -35.08
CA SER B 417 -24.94 -20.51 -35.58
C SER B 417 -23.92 -21.49 -35.03
N PRO B 418 -23.84 -21.71 -33.70
CA PRO B 418 -22.90 -22.73 -33.20
C PRO B 418 -23.47 -24.12 -33.36
N GLN B 419 -23.54 -24.57 -34.62
CA GLN B 419 -24.27 -25.80 -34.96
C GLN B 419 -23.63 -27.04 -34.34
N LYS B 420 -22.30 -27.14 -34.34
CA LYS B 420 -21.61 -28.32 -33.85
C LYS B 420 -20.57 -27.89 -32.82
N PHE B 421 -20.66 -28.43 -31.61
CA PHE B 421 -19.69 -28.12 -30.57
C PHE B 421 -19.58 -29.30 -29.61
N TRP B 422 -18.53 -29.25 -28.79
CA TRP B 422 -18.11 -30.37 -27.96
C TRP B 422 -18.16 -29.98 -26.49
N GLY B 423 -18.67 -30.89 -25.66
CA GLY B 423 -18.61 -30.69 -24.23
C GLY B 423 -17.80 -31.76 -23.53
N LEU B 424 -16.64 -31.39 -22.99
CA LEU B 424 -15.74 -32.35 -22.35
C LEU B 424 -15.86 -32.24 -20.84
N THR B 425 -15.73 -33.38 -20.15
CA THR B 425 -15.83 -33.41 -18.70
C THR B 425 -14.46 -33.11 -18.09
N ARG B 426 -14.45 -32.35 -17.00
CA ARG B 426 -13.20 -31.90 -16.40
C ARG B 426 -12.47 -33.03 -15.68
N SER B 427 -13.22 -33.98 -15.12
CA SER B 427 -12.59 -35.06 -14.36
C SER B 427 -11.72 -35.96 -15.23
N ALA B 428 -11.88 -35.89 -16.55
CA ALA B 428 -11.06 -36.68 -17.46
C ALA B 428 -10.03 -35.85 -18.22
N LEU B 429 -9.73 -34.64 -17.76
CA LEU B 429 -8.82 -33.74 -18.46
C LEU B 429 -7.59 -33.43 -17.60
N LEU B 430 -6.47 -33.18 -18.28
CA LEU B 430 -5.20 -32.87 -17.65
C LEU B 430 -4.49 -31.79 -18.46
N PRO B 431 -4.19 -30.64 -17.88
CA PRO B 431 -3.52 -29.58 -18.63
C PRO B 431 -2.02 -29.78 -18.75
N THR B 432 -1.59 -30.52 -19.76
CA THR B 432 -0.17 -30.77 -19.97
C THR B 432 0.59 -29.48 -20.22
N ILE B 433 1.77 -29.39 -19.65
CA ILE B 433 2.66 -28.23 -19.81
C ILE B 433 3.86 -28.66 -20.64
N PRO B 434 4.06 -28.09 -21.84
CA PRO B 434 5.19 -28.47 -22.70
C PRO B 434 6.52 -27.94 -22.18
ZN ZN C . -6.69 -40.81 -24.49
C02 A1CEG D . -15.01 -16.42 -19.93
C03 A1CEG D . -13.98 -16.84 -19.07
C05 A1CEG D . -11.81 -18.30 -18.99
C08 A1CEG D . -10.73 -19.14 -21.24
C09 A1CEG D . -9.58 -19.66 -21.87
C11 A1CEG D . -7.60 -20.99 -21.77
C12 A1CEG D . -6.95 -21.91 -20.71
C13 A1CEG D . -7.01 -23.31 -20.86
C14 A1CEG D . -6.43 -24.13 -19.91
C15 A1CEG D . -5.80 -23.59 -18.82
C16 A1CEG D . -5.74 -22.20 -18.66
C17 A1CEG D . -6.32 -21.37 -19.62
C18 A1CEG D . -9.54 -19.76 -23.25
C19 A1CEG D . -10.66 -19.33 -23.97
C20 A1CEG D . -11.76 -18.84 -23.28
C22 A1CEG D . -14.04 -16.52 -17.70
C23 A1CEG D . -15.13 -15.77 -17.19
C24 A1CEG D . -16.16 -15.35 -18.06
C25 A1CEG D . -16.10 -15.66 -19.42
C26 A1CEG D . -17.36 -14.53 -17.52
N04 A1CEG D . -12.84 -17.64 -19.68
N07 A1CEG D . -10.77 -19.04 -19.72
N21 A1CEG D . -11.76 -18.76 -21.96
N27 A1CEG D . -18.23 -13.93 -17.15
O01 A1CEG D . -14.96 -16.74 -21.35
O06 A1CEG D . -11.76 -18.28 -17.82
O10 A1CEG D . -8.46 -20.08 -21.10
C02 A1CEK E . -27.58 -45.10 -20.67
C04 A1CEK E . -27.34 -46.59 -20.49
C05 A1CEK E . -27.51 -47.17 -19.25
C06 A1CEK E . -27.29 -48.53 -19.09
C07 A1CEK E . -26.90 -49.29 -20.17
C08 A1CEK E . -26.72 -48.72 -21.41
C09 A1CEK E . -26.93 -47.36 -21.57
C10 A1CEK E . -28.13 -42.84 -19.73
C11 A1CEK E . -29.42 -42.36 -19.97
C12 A1CEK E . -29.64 -41.00 -20.17
C13 A1CEK E . -28.56 -40.10 -20.13
C14 A1CEK E . -27.28 -40.58 -19.90
C15 A1CEK E . -26.32 -39.37 -19.91
C17 A1CEK E . -26.49 -36.84 -20.26
C18 A1CEK E . -25.71 -36.54 -21.48
C19 A1CEK E . -25.26 -35.14 -21.45
C20 A1CEK E . -26.46 -34.23 -21.67
C23 A1CEK E . -27.48 -35.77 -19.83
C25 A1CEK E . -28.48 -38.57 -20.32
C27 A1CEK E . -27.06 -41.95 -19.69
N01 A1CEK E . -27.91 -44.27 -19.53
N16 A1CEK E . -27.09 -38.17 -20.17
N22 A1CEK E . -27.61 -34.63 -20.81
O03 A1CEK E . -27.49 -44.61 -21.75
O21 A1CEK E . -26.48 -33.34 -22.45
O24 A1CEK E . -28.06 -35.79 -18.80
O26 A1CEK E . -29.41 -37.88 -20.53
#